data_5I7D
#
_entry.id   5I7D
#
_cell.length_a   120.904
_cell.length_b   49.926
_cell.length_c   234.084
_cell.angle_alpha   90.00
_cell.angle_beta   102.57
_cell.angle_gamma   90.00
#
_symmetry.space_group_name_H-M   'C 1 2 1'
#
_entity_poly.entity_id   1
_entity_poly.type   'polypeptide(L)'
_entity_poly.pdbx_seq_one_letter_code
;MTSPAKFKKDKEIIAEYDTQVKEIRAQLTEQMKCLDQQCELRVQLLQDLQDFFRKKAEIEMDYSRNLEKLAERFLAKTRS
TKDQQFKKDQNVLSPVNCWNLLLNQVKRESRDHTTLSDIYLNNIIPRFVQVSEDSGRLFKKSKEVGQQLQDDLMKVLNEL
YSVMKTYHMYNADSISAQSKLKEAEKQEEKQIGKSVKQEDRQTPRSPDSTANVRIEEKHVRRSSVKKIEKMKEKRQAKYT
ENKLKAIKARNEYLLALEATNASVFKYYIHDLSDLIDQCCDLGYHASLNRALRTFLSAELNLEQSKHEGLDAIENAVENL
DATSDKQRLMEMYNNVFCPPMKFEFQPHMGDMASQLCAQQPVQSELVQRCQQLQSRLSTLKIENEEVKKTMEATLQTIQD
IVTVEDFDVSDCFQYSNSMESVKSTVSETFMSKPSIAKRRANQQETEQFYFTKMKEYLEGRNLITKLQAKHDLLQKTLGE
SQRT
;
_entity_poly.pdbx_strand_id   A,B
#
# COMPACT_ATOMS: atom_id res chain seq x y z
N LYS A 8 -9.82 -20.00 9.18
CA LYS A 8 -11.12 -19.73 8.52
C LYS A 8 -12.14 -20.85 8.79
N LYS A 9 -13.15 -20.52 9.60
CA LYS A 9 -14.17 -21.48 10.07
C LYS A 9 -15.17 -21.89 8.98
N ASP A 10 -15.88 -22.99 9.22
CA ASP A 10 -16.89 -23.56 8.30
C ASP A 10 -18.04 -22.60 7.95
N LYS A 11 -18.41 -21.75 8.91
CA LYS A 11 -19.48 -20.75 8.74
C LYS A 11 -18.96 -19.38 8.29
N GLU A 12 -17.70 -19.08 8.61
CA GLU A 12 -17.04 -17.83 8.19
C GLU A 12 -17.02 -17.68 6.67
N ILE A 13 -16.77 -18.79 5.96
CA ILE A 13 -16.76 -18.84 4.49
C ILE A 13 -18.18 -18.69 3.91
N ILE A 14 -19.14 -19.45 4.45
CA ILE A 14 -20.54 -19.46 3.97
C ILE A 14 -21.24 -18.11 4.16
N ALA A 15 -20.93 -17.42 5.26
CA ALA A 15 -21.48 -16.10 5.56
C ALA A 15 -20.91 -15.01 4.65
N GLU A 16 -19.65 -15.17 4.26
CA GLU A 16 -18.96 -14.21 3.38
C GLU A 16 -19.54 -14.18 1.96
N TYR A 17 -19.77 -15.37 1.40
CA TYR A 17 -20.42 -15.53 0.09
C TYR A 17 -21.89 -15.10 0.13
N ASP A 18 -22.57 -15.43 1.23
CA ASP A 18 -23.99 -15.09 1.41
C ASP A 18 -24.25 -13.59 1.53
N THR A 19 -23.28 -12.85 2.06
CA THR A 19 -23.34 -11.39 2.11
C THR A 19 -23.13 -10.80 0.71
N GLN A 20 -22.15 -11.35 -0.03
CA GLN A 20 -21.86 -10.98 -1.43
C GLN A 20 -23.07 -11.18 -2.35
N VAL A 21 -23.79 -12.27 -2.13
CA VAL A 21 -24.96 -12.66 -2.95
C VAL A 21 -26.20 -11.82 -2.61
N LYS A 22 -26.44 -11.58 -1.32
CA LYS A 22 -27.53 -10.70 -0.86
C LYS A 22 -27.43 -9.30 -1.45
N GLU A 23 -26.19 -8.88 -1.72
CA GLU A 23 -25.90 -7.63 -2.42
C GLU A 23 -26.30 -7.72 -3.91
N ILE A 24 -26.01 -8.86 -4.53
CA ILE A 24 -26.33 -9.08 -5.96
C ILE A 24 -27.84 -9.10 -6.19
N ARG A 25 -28.58 -9.84 -5.34
CA ARG A 25 -30.05 -9.83 -5.38
C ARG A 25 -30.65 -8.42 -5.22
N ALA A 26 -30.02 -7.61 -4.38
CA ALA A 26 -30.37 -6.20 -4.20
C ALA A 26 -30.02 -5.37 -5.44
N GLN A 27 -28.87 -5.66 -6.04
CA GLN A 27 -28.40 -4.99 -7.25
C GLN A 27 -29.28 -5.31 -8.47
N LEU A 28 -29.56 -6.60 -8.67
CA LEU A 28 -30.40 -7.09 -9.78
C LEU A 28 -31.81 -6.50 -9.76
N THR A 29 -32.42 -6.46 -8.58
CA THR A 29 -33.74 -5.87 -8.40
C THR A 29 -33.73 -4.34 -8.64
N GLU A 30 -32.64 -3.69 -8.26
CA GLU A 30 -32.46 -2.25 -8.53
C GLU A 30 -32.14 -1.94 -9.99
N GLN A 31 -31.73 -2.97 -10.74
CA GLN A 31 -31.49 -2.86 -12.18
C GLN A 31 -32.79 -2.82 -12.97
N MET A 32 -33.78 -3.58 -12.49
CA MET A 32 -35.11 -3.61 -13.11
C MET A 32 -35.95 -2.39 -12.72
N LYS A 33 -35.70 -1.88 -11.52
CA LYS A 33 -36.30 -0.62 -11.06
C LYS A 33 -35.76 0.56 -11.87
N CYS A 34 -34.50 0.45 -12.29
CA CYS A 34 -33.83 1.43 -13.15
C CYS A 34 -34.45 1.47 -14.55
N LEU A 35 -34.76 0.30 -15.09
CA LEU A 35 -35.44 0.18 -16.37
C LEU A 35 -36.85 0.75 -16.33
N ASP A 36 -37.54 0.55 -15.21
CA ASP A 36 -38.89 1.11 -15.00
C ASP A 36 -38.93 2.65 -14.96
N GLN A 37 -37.83 3.26 -14.53
CA GLN A 37 -37.66 4.73 -14.56
C GLN A 37 -37.52 5.21 -16.00
N GLN A 38 -36.68 4.51 -16.76
CA GLN A 38 -36.41 4.86 -18.15
C GLN A 38 -37.61 4.61 -19.07
N CYS A 39 -38.47 3.66 -18.71
CA CYS A 39 -39.73 3.44 -19.44
C CYS A 39 -40.73 4.56 -19.15
N GLU A 40 -40.83 4.97 -17.88
CA GLU A 40 -41.64 6.12 -17.48
C GLU A 40 -41.18 7.40 -18.17
N LEU A 41 -39.86 7.54 -18.32
CA LEU A 41 -39.22 8.62 -19.06
C LEU A 41 -39.56 8.65 -20.55
N ARG A 42 -39.48 7.48 -21.18
CA ARG A 42 -39.81 7.29 -22.61
C ARG A 42 -41.26 7.68 -22.90
N VAL A 43 -42.19 7.15 -22.10
CA VAL A 43 -43.61 7.44 -22.24
C VAL A 43 -43.95 8.88 -21.77
N GLN A 44 -43.11 9.46 -20.92
CA GLN A 44 -43.28 10.86 -20.51
C GLN A 44 -42.97 11.83 -21.66
N LEU A 45 -41.82 11.61 -22.30
CA LEU A 45 -41.36 12.40 -23.44
C LEU A 45 -42.32 12.34 -24.62
N LEU A 46 -42.80 11.14 -24.93
CA LEU A 46 -43.79 10.92 -25.99
C LEU A 46 -45.13 11.60 -25.71
N GLN A 47 -45.52 11.63 -24.43
CA GLN A 47 -46.73 12.33 -23.97
C GLN A 47 -46.52 13.84 -24.03
N ASP A 48 -45.34 14.31 -23.61
CA ASP A 48 -44.92 15.71 -23.73
C ASP A 48 -44.96 16.19 -25.17
N LEU A 49 -44.48 15.34 -26.09
CA LEU A 49 -44.51 15.60 -27.53
C LEU A 49 -45.93 15.66 -28.08
N GLN A 50 -46.76 14.71 -27.63
CA GLN A 50 -48.17 14.64 -28.01
C GLN A 50 -48.92 15.91 -27.67
N ASP A 51 -48.93 16.25 -26.38
CA ASP A 51 -49.59 17.46 -25.86
C ASP A 51 -49.05 18.74 -26.49
N PHE A 52 -47.74 18.75 -26.77
CA PHE A 52 -47.05 19.86 -27.43
C PHE A 52 -47.59 20.14 -28.84
N PHE A 53 -47.60 19.11 -29.68
CA PHE A 53 -48.12 19.25 -31.03
C PHE A 53 -49.64 19.42 -31.06
N ARG A 54 -50.33 18.88 -30.04
CA ARG A 54 -51.77 19.10 -29.83
C ARG A 54 -52.10 20.56 -29.57
N LYS A 55 -51.24 21.24 -28.81
CA LYS A 55 -51.37 22.68 -28.58
C LYS A 55 -50.76 23.50 -29.73
N LYS A 56 -49.68 23.00 -30.32
CA LYS A 56 -49.04 23.67 -31.46
C LYS A 56 -49.95 23.74 -32.67
N ALA A 57 -50.64 22.63 -32.97
CA ALA A 57 -51.63 22.58 -34.06
C ALA A 57 -52.83 23.51 -33.81
N GLU A 58 -53.26 23.58 -32.55
CA GLU A 58 -54.32 24.49 -32.08
C GLU A 58 -53.95 25.95 -32.36
N ILE A 59 -52.68 26.28 -32.07
CA ILE A 59 -52.12 27.63 -32.23
C ILE A 59 -51.87 27.99 -33.70
N GLU A 60 -51.41 27.02 -34.50
CA GLU A 60 -51.20 27.21 -35.94
C GLU A 60 -52.52 27.49 -36.67
N MET A 61 -53.55 26.72 -36.33
CA MET A 61 -54.90 26.91 -36.90
C MET A 61 -55.56 28.21 -36.43
N ASP A 62 -55.25 28.63 -35.21
CA ASP A 62 -55.69 29.92 -34.65
C ASP A 62 -55.04 31.08 -35.41
N TYR A 63 -53.75 30.94 -35.70
CA TYR A 63 -52.97 31.90 -36.50
C TYR A 63 -53.49 31.96 -37.94
N SER A 64 -53.77 30.78 -38.51
CA SER A 64 -54.36 30.63 -39.86
C SER A 64 -55.71 31.32 -40.00
N ARG A 65 -56.52 31.21 -38.94
CA ARG A 65 -57.86 31.79 -38.87
C ARG A 65 -57.84 33.32 -38.97
N ASN A 66 -56.96 33.94 -38.17
CA ASN A 66 -56.81 35.39 -38.08
C ASN A 66 -56.26 36.03 -39.36
N LEU A 67 -55.39 35.30 -40.05
CA LEU A 67 -54.82 35.75 -41.31
C LEU A 67 -55.83 35.70 -42.45
N GLU A 68 -56.68 34.67 -42.46
CA GLU A 68 -57.80 34.58 -43.41
C GLU A 68 -58.86 35.64 -43.15
N LYS A 69 -59.06 35.97 -41.86
CA LYS A 69 -59.97 37.05 -41.43
C LYS A 69 -59.50 38.42 -41.90
N LEU A 70 -58.19 38.67 -41.77
CA LEU A 70 -57.54 39.89 -42.23
C LEU A 70 -57.61 40.02 -43.76
N ALA A 71 -57.17 38.97 -44.45
CA ALA A 71 -57.19 38.92 -45.91
C ALA A 71 -58.62 39.04 -46.46
N GLU A 72 -59.57 38.36 -45.82
CA GLU A 72 -60.97 38.34 -46.28
C GLU A 72 -61.74 39.65 -46.04
N ARG A 73 -61.38 40.38 -44.97
CA ARG A 73 -61.97 41.70 -44.68
C ARG A 73 -61.60 42.73 -45.76
N PHE A 74 -60.33 42.73 -46.15
CA PHE A 74 -59.80 43.63 -47.19
C PHE A 74 -60.11 43.14 -48.61
N LEU A 75 -60.70 41.95 -48.72
CA LEU A 75 -61.22 41.41 -49.98
C LEU A 75 -62.75 41.29 -50.00
N ALA A 76 -63.40 41.72 -48.90
CA ALA A 76 -64.85 41.89 -48.82
C ALA A 76 -65.26 43.24 -49.44
N LYS A 77 -64.28 44.14 -49.51
CA LYS A 77 -64.41 45.44 -50.16
C LYS A 77 -64.15 45.36 -51.68
N THR A 78 -63.55 44.25 -52.12
CA THR A 78 -63.24 43.98 -53.53
C THR A 78 -64.51 43.67 -54.35
N ASN A 91 -57.83 47.25 -65.55
CA ASN A 91 -56.58 47.97 -65.32
C ASN A 91 -56.26 48.14 -63.85
N VAL A 92 -55.01 47.86 -63.50
CA VAL A 92 -54.48 47.97 -62.13
C VAL A 92 -53.11 48.66 -62.20
N LEU A 93 -52.90 49.64 -61.31
CA LEU A 93 -51.65 50.39 -61.21
C LEU A 93 -50.59 49.62 -60.42
N SER A 94 -49.32 50.03 -60.56
CA SER A 94 -48.21 49.39 -59.85
C SER A 94 -48.25 49.43 -58.30
N PRO A 95 -48.73 50.53 -57.67
CA PRO A 95 -48.86 50.47 -56.20
C PRO A 95 -50.03 49.62 -55.74
N VAL A 96 -51.11 49.64 -56.51
CA VAL A 96 -52.30 48.80 -56.29
C VAL A 96 -51.90 47.31 -56.39
N ASN A 97 -51.13 46.97 -57.41
CA ASN A 97 -50.60 45.61 -57.64
C ASN A 97 -49.70 45.09 -56.52
N CYS A 98 -48.93 46.00 -55.91
CA CYS A 98 -48.14 45.68 -54.72
C CYS A 98 -49.06 45.30 -53.56
N TRP A 99 -50.10 46.12 -53.34
CA TRP A 99 -51.16 45.88 -52.34
C TRP A 99 -51.92 44.57 -52.58
N ASN A 100 -52.17 44.27 -53.86
CA ASN A 100 -52.82 43.02 -54.28
C ASN A 100 -52.02 41.78 -53.90
N LEU A 101 -50.71 41.86 -54.11
CA LEU A 101 -49.79 40.75 -53.80
C LEU A 101 -49.43 40.66 -52.32
N LEU A 102 -49.73 41.73 -51.58
CA LEU A 102 -49.62 41.75 -50.12
C LEU A 102 -50.78 41.00 -49.46
N LEU A 103 -51.99 41.16 -50.01
CA LEU A 103 -53.18 40.45 -49.52
C LEU A 103 -53.21 38.99 -49.96
N ASN A 104 -52.70 38.74 -51.17
CA ASN A 104 -52.55 37.39 -51.75
C ASN A 104 -51.61 36.50 -50.93
N GLN A 105 -50.47 37.06 -50.53
CA GLN A 105 -49.47 36.40 -49.67
C GLN A 105 -50.05 35.97 -48.33
N VAL A 106 -50.80 36.88 -47.70
CA VAL A 106 -51.45 36.65 -46.40
C VAL A 106 -52.50 35.54 -46.49
N LYS A 107 -53.24 35.49 -47.60
CA LYS A 107 -54.19 34.40 -47.87
C LYS A 107 -53.46 33.08 -48.18
N ARG A 108 -52.27 33.17 -48.76
CA ARG A 108 -51.44 31.99 -49.06
C ARG A 108 -50.80 31.41 -47.80
N GLU A 109 -50.20 32.28 -46.97
CA GLU A 109 -49.52 31.91 -45.72
C GLU A 109 -50.47 31.23 -44.72
N SER A 110 -51.72 31.67 -44.70
CA SER A 110 -52.77 31.10 -43.86
C SER A 110 -53.15 29.67 -44.25
N ARG A 111 -53.24 29.43 -45.56
CA ARG A 111 -53.50 28.09 -46.11
C ARG A 111 -52.38 27.09 -45.81
N ASP A 112 -51.15 27.60 -45.79
CA ASP A 112 -49.95 26.82 -45.45
C ASP A 112 -49.94 26.41 -43.97
N HIS A 113 -50.56 27.24 -43.13
CA HIS A 113 -50.63 27.01 -41.69
C HIS A 113 -51.74 26.06 -41.24
N THR A 114 -52.82 25.98 -42.05
CA THR A 114 -53.87 24.99 -41.84
C THR A 114 -53.28 23.60 -42.10
N THR A 115 -52.52 23.49 -43.18
CA THR A 115 -51.86 22.25 -43.58
C THR A 115 -50.75 21.83 -42.62
N LEU A 116 -49.99 22.80 -42.11
CA LEU A 116 -48.96 22.55 -41.07
C LEU A 116 -49.58 22.00 -39.79
N SER A 117 -50.79 22.46 -39.48
CA SER A 117 -51.57 21.97 -38.35
C SER A 117 -52.12 20.56 -38.57
N ASP A 118 -52.53 20.27 -39.80
CA ASP A 118 -53.01 18.94 -40.21
C ASP A 118 -51.91 17.86 -40.16
N ILE A 119 -50.68 18.26 -40.52
CA ILE A 119 -49.51 17.39 -40.45
C ILE A 119 -49.22 17.05 -38.99
N TYR A 120 -49.37 18.04 -38.11
CA TYR A 120 -49.20 17.86 -36.66
C TYR A 120 -50.16 16.83 -36.05
N LEU A 121 -51.40 16.81 -36.55
CA LEU A 121 -52.47 15.95 -35.99
C LEU A 121 -52.61 14.59 -36.70
N ASN A 122 -52.53 14.57 -38.02
CA ASN A 122 -52.76 13.36 -38.82
C ASN A 122 -51.50 12.55 -39.15
N ASN A 123 -50.33 13.17 -38.97
CA ASN A 123 -49.05 12.53 -39.32
C ASN A 123 -48.08 12.42 -38.14
N ILE A 124 -47.81 13.54 -37.49
CA ILE A 124 -46.84 13.63 -36.39
C ILE A 124 -47.34 12.92 -35.12
N ILE A 125 -48.50 13.34 -34.61
CA ILE A 125 -49.11 12.76 -33.39
C ILE A 125 -49.37 11.23 -33.48
N PRO A 126 -49.93 10.72 -34.61
CA PRO A 126 -50.16 9.25 -34.69
C PRO A 126 -48.91 8.38 -34.58
N ARG A 127 -47.72 8.98 -34.78
CA ARG A 127 -46.46 8.29 -34.55
C ARG A 127 -46.16 8.17 -33.05
N PHE A 128 -46.46 9.23 -32.30
CA PHE A 128 -46.26 9.24 -30.86
C PHE A 128 -47.17 8.26 -30.11
N VAL A 129 -48.46 8.20 -30.50
CA VAL A 129 -49.41 7.24 -29.87
C VAL A 129 -49.00 5.77 -30.10
N GLN A 130 -48.46 5.51 -31.30
CA GLN A 130 -47.92 4.21 -31.71
C GLN A 130 -46.67 3.85 -30.89
N VAL A 131 -45.73 4.79 -30.81
CA VAL A 131 -44.48 4.58 -30.08
C VAL A 131 -44.70 4.59 -28.56
N SER A 132 -45.77 5.26 -28.10
CA SER A 132 -46.15 5.24 -26.68
C SER A 132 -46.67 3.88 -26.24
N GLU A 133 -47.30 3.17 -27.18
CA GLU A 133 -47.71 1.79 -26.97
C GLU A 133 -46.54 0.82 -27.18
N ASP A 134 -45.69 1.12 -28.16
CA ASP A 134 -44.48 0.32 -28.46
C ASP A 134 -43.45 0.36 -27.33
N SER A 135 -43.27 1.52 -26.72
CA SER A 135 -42.40 1.67 -25.55
C SER A 135 -42.94 0.95 -24.32
N GLY A 136 -44.26 0.80 -24.25
CA GLY A 136 -44.92 0.03 -23.20
C GLY A 136 -44.79 -1.46 -23.40
N ARG A 137 -45.11 -1.92 -24.62
CA ARG A 137 -45.09 -3.34 -24.98
C ARG A 137 -43.67 -3.95 -25.04
N LEU A 138 -42.74 -3.26 -25.70
CA LEU A 138 -41.37 -3.77 -25.86
C LEU A 138 -40.56 -3.79 -24.57
N PHE A 139 -40.89 -2.89 -23.63
CA PHE A 139 -40.32 -2.88 -22.29
C PHE A 139 -40.74 -4.14 -21.52
N LYS A 140 -42.04 -4.46 -21.59
CA LYS A 140 -42.61 -5.65 -20.96
C LYS A 140 -41.97 -6.94 -21.48
N LYS A 141 -41.63 -6.96 -22.76
CA LYS A 141 -40.95 -8.11 -23.39
C LYS A 141 -39.45 -8.13 -23.11
N SER A 142 -38.87 -6.95 -22.85
CA SER A 142 -37.46 -6.83 -22.48
C SER A 142 -37.23 -7.29 -21.05
N LYS A 143 -38.14 -6.87 -20.16
CA LYS A 143 -38.14 -7.25 -18.74
C LYS A 143 -38.35 -8.77 -18.58
N GLU A 144 -39.08 -9.35 -19.55
CA GLU A 144 -39.32 -10.80 -19.64
C GLU A 144 -38.00 -11.56 -19.82
N VAL A 145 -37.16 -11.06 -20.72
CA VAL A 145 -35.83 -11.63 -20.97
C VAL A 145 -34.94 -11.27 -19.79
N GLY A 146 -35.12 -10.06 -19.28
CA GLY A 146 -34.41 -9.54 -18.11
C GLY A 146 -34.54 -10.42 -16.88
N GLN A 147 -35.78 -10.79 -16.54
CA GLN A 147 -36.03 -11.71 -15.44
C GLN A 147 -35.53 -13.12 -15.72
N GLN A 148 -35.63 -13.57 -16.97
CA GLN A 148 -35.11 -14.88 -17.41
C GLN A 148 -33.59 -14.97 -17.29
N LEU A 149 -32.91 -13.84 -17.51
CA LEU A 149 -31.46 -13.78 -17.35
C LEU A 149 -31.01 -13.69 -15.90
N GLN A 150 -31.77 -12.95 -15.08
CA GLN A 150 -31.51 -12.80 -13.65
C GLN A 150 -31.64 -14.14 -12.92
N ASP A 151 -32.71 -14.87 -13.24
CA ASP A 151 -32.97 -16.21 -12.70
C ASP A 151 -31.90 -17.21 -13.10
N ASP A 152 -31.48 -17.17 -14.38
CA ASP A 152 -30.40 -18.03 -14.91
C ASP A 152 -29.05 -17.80 -14.24
N LEU A 153 -28.78 -16.55 -13.85
CA LEU A 153 -27.57 -16.20 -13.10
C LEU A 153 -27.66 -16.69 -11.66
N MET A 154 -28.82 -16.44 -11.04
CA MET A 154 -29.12 -16.83 -9.66
C MET A 154 -29.00 -18.34 -9.44
N LYS A 155 -29.22 -19.10 -10.52
CA LYS A 155 -28.95 -20.54 -10.57
C LYS A 155 -27.49 -20.86 -10.31
N VAL A 156 -26.60 -20.19 -11.05
CA VAL A 156 -25.15 -20.41 -10.97
C VAL A 156 -24.60 -19.99 -9.61
N LEU A 157 -25.19 -18.94 -9.04
CA LEU A 157 -24.81 -18.42 -7.73
C LEU A 157 -25.10 -19.42 -6.61
N ASN A 158 -26.36 -19.83 -6.50
CA ASN A 158 -26.78 -20.79 -5.48
C ASN A 158 -26.32 -22.23 -5.74
N GLU A 159 -25.77 -22.46 -6.93
CA GLU A 159 -25.08 -23.71 -7.27
C GLU A 159 -23.85 -23.89 -6.39
N LEU A 160 -23.06 -22.81 -6.30
CA LEU A 160 -21.80 -22.78 -5.55
C LEU A 160 -21.94 -23.11 -4.06
N TYR A 161 -23.09 -22.76 -3.49
CA TYR A 161 -23.45 -23.00 -2.08
C TYR A 161 -23.19 -24.47 -1.67
N SER A 162 -23.72 -25.39 -2.46
CA SER A 162 -23.60 -26.81 -2.20
C SER A 162 -22.23 -27.38 -2.60
N VAL A 163 -21.53 -26.70 -3.51
CA VAL A 163 -20.22 -27.16 -3.98
C VAL A 163 -19.13 -26.91 -2.94
N MET A 164 -19.17 -25.74 -2.29
CA MET A 164 -18.21 -25.45 -1.22
C MET A 164 -18.54 -26.15 0.10
N LYS A 165 -19.83 -26.39 0.35
CA LYS A 165 -20.27 -27.19 1.50
C LYS A 165 -19.78 -28.64 1.39
N THR A 166 -19.66 -29.11 0.14
CA THR A 166 -19.04 -30.40 -0.20
C THR A 166 -17.53 -30.35 0.06
N TYR A 167 -16.90 -29.27 -0.39
CA TYR A 167 -15.45 -29.04 -0.20
C TYR A 167 -15.05 -28.93 1.28
N HIS A 168 -15.83 -28.17 2.06
CA HIS A 168 -15.59 -27.99 3.50
C HIS A 168 -15.70 -29.30 4.28
N MET A 169 -16.65 -30.14 3.88
CA MET A 169 -16.87 -31.43 4.51
C MET A 169 -15.74 -32.41 4.18
N TYR A 170 -15.35 -32.48 2.90
CA TYR A 170 -14.27 -33.37 2.43
C TYR A 170 -12.86 -32.97 2.88
N ASN A 171 -12.63 -31.67 3.03
CA ASN A 171 -11.34 -31.18 3.52
C ASN A 171 -11.17 -31.32 5.04
N ALA A 172 -12.29 -31.25 5.77
CA ALA A 172 -12.28 -31.46 7.23
C ALA A 172 -12.05 -32.94 7.60
N ASP A 173 -12.54 -33.84 6.76
CA ASP A 173 -12.37 -35.29 6.94
C ASP A 173 -10.98 -35.79 6.53
N SER A 174 -10.33 -35.05 5.62
CA SER A 174 -8.96 -35.31 5.19
C SER A 174 -7.92 -34.99 6.27
N ILE A 175 -8.23 -34.00 7.10
CA ILE A 175 -7.40 -33.59 8.24
C ILE A 175 -7.76 -34.42 9.49
N SER A 176 -9.01 -34.87 9.56
CA SER A 176 -9.49 -35.76 10.63
C SER A 176 -8.82 -37.13 10.61
N ALA A 177 -8.49 -37.61 9.40
CA ALA A 177 -7.72 -38.84 9.21
C ALA A 177 -6.22 -38.60 9.35
N GLN A 178 -5.80 -37.36 9.11
CA GLN A 178 -4.39 -36.93 9.20
C GLN A 178 -3.88 -36.82 10.64
N SER A 179 -4.76 -36.39 11.55
CA SER A 179 -4.44 -36.26 12.98
C SER A 179 -4.35 -37.63 13.65
N LYS A 180 -5.28 -38.52 13.30
CA LYS A 180 -5.33 -39.92 13.79
C LYS A 180 -4.15 -40.77 13.30
N LEU A 181 -3.58 -40.40 12.15
CA LEU A 181 -2.42 -41.08 11.57
C LEU A 181 -1.10 -40.73 12.28
N LYS A 182 -0.96 -39.46 12.68
CA LYS A 182 0.23 -38.99 13.41
C LYS A 182 0.25 -39.40 14.89
N GLU A 183 -0.92 -39.78 15.41
CA GLU A 183 -1.03 -40.31 16.77
C GLU A 183 -0.74 -41.81 16.81
N ALA A 184 -1.12 -42.53 15.75
CA ALA A 184 -0.81 -43.96 15.58
C ALA A 184 0.67 -44.23 15.29
N GLU A 185 1.34 -43.25 14.68
CA GLU A 185 2.80 -43.28 14.45
C GLU A 185 3.63 -42.90 15.68
N LYS A 186 2.99 -42.18 16.60
CA LYS A 186 3.60 -41.74 17.86
C LYS A 186 3.69 -42.89 18.88
N GLN A 187 2.61 -43.68 18.96
CA GLN A 187 2.52 -44.84 19.86
C GLN A 187 3.40 -46.00 19.40
N GLU A 188 3.26 -46.39 18.13
CA GLU A 188 3.95 -47.56 17.57
C GLU A 188 5.40 -47.30 17.14
N GLU A 189 5.61 -46.27 16.32
CA GLU A 189 6.93 -45.96 15.75
C GLU A 189 7.49 -44.64 16.27
N LYS A 226 2.19 -56.88 19.28
CA LYS A 226 2.18 -58.07 18.42
C LYS A 226 1.50 -57.77 17.08
N LYS A 227 0.24 -57.31 17.16
CA LYS A 227 -0.57 -56.97 15.98
C LYS A 227 -0.88 -55.47 15.86
N ILE A 228 -0.42 -54.69 16.83
CA ILE A 228 -0.72 -53.24 16.95
C ILE A 228 -0.19 -52.41 15.76
N GLU A 229 0.94 -52.82 15.21
CA GLU A 229 1.53 -52.21 14.01
C GLU A 229 0.79 -52.64 12.73
N LYS A 230 0.20 -53.84 12.76
CA LYS A 230 -0.59 -54.38 11.65
C LYS A 230 -2.02 -53.85 11.62
N MET A 231 -2.58 -53.55 12.81
CA MET A 231 -3.95 -53.04 12.97
C MET A 231 -4.12 -51.59 12.48
N LYS A 232 -3.12 -50.75 12.75
CA LYS A 232 -3.16 -49.32 12.36
C LYS A 232 -2.83 -49.04 10.88
N GLU A 233 -2.68 -50.12 10.09
CA GLU A 233 -2.41 -50.04 8.65
C GLU A 233 -3.58 -49.50 7.83
N LYS A 234 -4.81 -49.70 8.31
CA LYS A 234 -6.02 -49.20 7.65
C LYS A 234 -6.23 -47.68 7.78
N ARG A 235 -5.44 -47.04 8.65
CA ARG A 235 -5.42 -45.58 8.81
C ARG A 235 -4.83 -44.88 7.59
N GLN A 236 -3.83 -45.50 6.97
CA GLN A 236 -3.24 -45.04 5.70
C GLN A 236 -4.16 -45.37 4.53
N ALA A 237 -4.90 -46.49 4.65
CA ALA A 237 -5.89 -46.91 3.65
C ALA A 237 -7.13 -46.01 3.60
N LYS A 238 -7.40 -45.30 4.71
CA LYS A 238 -8.51 -44.35 4.78
C LYS A 238 -8.08 -42.87 4.63
N TYR A 239 -6.80 -42.57 4.92
CA TYR A 239 -6.25 -41.22 4.73
C TYR A 239 -6.06 -40.89 3.25
N THR A 240 -5.44 -41.81 2.51
CA THR A 240 -5.22 -41.67 1.06
C THR A 240 -6.57 -41.65 0.31
N GLU A 241 -7.54 -42.39 0.85
CA GLU A 241 -8.94 -42.37 0.39
C GLU A 241 -9.57 -40.97 0.56
N ASN A 242 -9.48 -40.43 1.78
CA ASN A 242 -9.99 -39.09 2.15
C ASN A 242 -9.25 -37.92 1.49
N LYS A 243 -7.97 -38.13 1.20
CA LYS A 243 -7.18 -37.12 0.48
C LYS A 243 -7.52 -37.05 -1.00
N LEU A 244 -7.70 -38.23 -1.63
CA LEU A 244 -8.14 -38.34 -3.03
C LEU A 244 -9.51 -37.67 -3.23
N LYS A 245 -10.40 -37.87 -2.25
CA LYS A 245 -11.73 -37.28 -2.24
C LYS A 245 -11.71 -35.76 -1.99
N ALA A 246 -10.86 -35.32 -1.06
CA ALA A 246 -10.67 -33.89 -0.80
C ALA A 246 -10.01 -33.15 -1.96
N ILE A 247 -9.16 -33.85 -2.72
CA ILE A 247 -8.56 -33.31 -3.96
C ILE A 247 -9.65 -33.15 -5.04
N LYS A 248 -10.52 -34.16 -5.17
CA LYS A 248 -11.65 -34.13 -6.08
C LYS A 248 -12.63 -32.98 -5.80
N ALA A 249 -13.01 -32.80 -4.54
CA ALA A 249 -13.93 -31.71 -4.11
C ALA A 249 -13.32 -30.31 -4.25
N ARG A 250 -11.99 -30.23 -4.08
CA ARG A 250 -11.25 -28.98 -4.30
C ARG A 250 -11.27 -28.64 -5.78
N ASN A 251 -10.93 -29.61 -6.63
CA ASN A 251 -10.99 -29.51 -8.09
C ASN A 251 -12.35 -29.01 -8.59
N GLU A 252 -13.42 -29.65 -8.12
CA GLU A 252 -14.80 -29.31 -8.48
C GLU A 252 -15.18 -27.90 -8.08
N TYR A 253 -14.83 -27.53 -6.85
CA TYR A 253 -15.07 -26.18 -6.32
C TYR A 253 -14.25 -25.11 -7.04
N LEU A 254 -13.00 -25.44 -7.38
CA LEU A 254 -12.13 -24.55 -8.14
C LEU A 254 -12.65 -24.29 -9.55
N LEU A 255 -13.21 -25.32 -10.18
CA LEU A 255 -13.85 -25.20 -11.48
C LEU A 255 -15.22 -24.52 -11.38
N ALA A 256 -15.87 -24.69 -10.23
CA ALA A 256 -17.16 -24.05 -9.94
C ALA A 256 -17.01 -22.54 -9.81
N LEU A 257 -15.93 -22.10 -9.16
CA LEU A 257 -15.60 -20.68 -9.03
C LEU A 257 -15.34 -20.06 -10.40
N GLU A 258 -14.49 -20.72 -11.20
CA GLU A 258 -14.14 -20.30 -12.56
C GLU A 258 -15.37 -20.21 -13.46
N ALA A 259 -16.33 -21.12 -13.25
CA ALA A 259 -17.61 -21.10 -13.97
C ALA A 259 -18.47 -19.91 -13.54
N THR A 260 -18.62 -19.72 -12.23
CA THR A 260 -19.45 -18.65 -11.66
C THR A 260 -18.88 -17.26 -11.96
N ASN A 261 -17.55 -17.13 -11.86
CA ASN A 261 -16.85 -15.87 -12.16
C ASN A 261 -17.05 -15.38 -13.59
N ALA A 262 -17.04 -16.31 -14.55
CA ALA A 262 -17.29 -16.00 -15.97
C ALA A 262 -18.77 -15.77 -16.25
N SER A 263 -19.64 -16.44 -15.49
CA SER A 263 -21.10 -16.29 -15.60
C SER A 263 -21.56 -14.89 -15.21
N VAL A 264 -21.03 -14.38 -14.09
CA VAL A 264 -21.29 -13.02 -13.61
C VAL A 264 -20.73 -12.00 -14.61
N PHE A 265 -19.50 -12.28 -15.08
CA PHE A 265 -18.77 -11.50 -16.08
C PHE A 265 -19.62 -11.24 -17.32
N LYS A 266 -20.12 -12.32 -17.91
CA LYS A 266 -20.91 -12.24 -19.14
C LYS A 266 -22.29 -11.61 -18.96
N TYR A 267 -22.82 -11.63 -17.74
CA TYR A 267 -24.09 -10.94 -17.47
C TYR A 267 -23.90 -9.43 -17.47
N TYR A 268 -23.06 -8.94 -16.57
CA TYR A 268 -22.87 -7.50 -16.35
C TYR A 268 -22.24 -6.78 -17.54
N ILE A 269 -21.32 -7.46 -18.23
CA ILE A 269 -20.62 -6.87 -19.37
C ILE A 269 -21.41 -7.00 -20.68
N HIS A 270 -21.84 -8.22 -21.02
CA HIS A 270 -22.52 -8.46 -22.30
C HIS A 270 -24.05 -8.45 -22.24
N ASP A 271 -24.63 -9.35 -21.45
CA ASP A 271 -26.10 -9.50 -21.36
C ASP A 271 -26.82 -8.22 -20.93
N LEU A 272 -26.20 -7.45 -20.06
CA LEU A 272 -26.75 -6.19 -19.58
C LEU A 272 -26.71 -5.11 -20.66
N SER A 273 -25.57 -5.01 -21.34
CA SER A 273 -25.35 -4.07 -22.44
C SER A 273 -26.25 -4.41 -23.63
N ASP A 274 -26.26 -5.69 -24.03
CA ASP A 274 -27.12 -6.21 -25.11
C ASP A 274 -28.61 -5.93 -24.88
N LEU A 275 -29.03 -5.98 -23.62
CA LEU A 275 -30.43 -5.74 -23.25
C LEU A 275 -30.79 -4.25 -23.20
N ILE A 276 -29.79 -3.40 -23.00
CA ILE A 276 -29.99 -1.95 -23.03
C ILE A 276 -30.32 -1.48 -24.45
N ASP A 277 -29.46 -1.84 -25.42
CA ASP A 277 -29.70 -1.52 -26.83
C ASP A 277 -30.91 -2.26 -27.43
N GLN A 278 -31.34 -3.34 -26.78
CA GLN A 278 -32.45 -4.19 -27.24
C GLN A 278 -33.79 -3.45 -27.38
N CYS A 279 -34.13 -2.63 -26.38
CA CYS A 279 -35.36 -1.81 -26.43
C CYS A 279 -35.17 -0.46 -27.13
N CYS A 280 -34.15 -0.39 -28.00
CA CYS A 280 -33.80 0.80 -28.79
C CYS A 280 -33.20 0.49 -30.19
N ASP A 281 -32.83 -0.79 -30.41
CA ASP A 281 -32.14 -1.30 -31.62
C ASP A 281 -32.56 -0.71 -32.97
N LEU A 282 -36.54 -1.74 -29.76
CA LEU A 282 -35.99 -1.67 -31.11
C LEU A 282 -36.36 -0.40 -31.82
N GLY A 283 -35.42 0.11 -32.61
CA GLY A 283 -35.60 1.29 -33.49
C GLY A 283 -36.25 2.51 -32.88
N TYR A 284 -35.95 2.78 -31.60
CA TYR A 284 -36.45 3.94 -30.87
C TYR A 284 -35.94 5.23 -31.50
N HIS A 285 -34.66 5.23 -31.87
CA HIS A 285 -34.02 6.31 -32.62
C HIS A 285 -34.57 6.39 -34.05
N ALA A 286 -34.75 5.24 -34.68
CA ALA A 286 -35.22 5.10 -36.07
C ALA A 286 -36.66 5.59 -36.29
N SER A 287 -37.48 5.42 -35.26
CA SER A 287 -38.88 5.86 -35.31
C SER A 287 -38.99 7.36 -35.03
N LEU A 288 -38.09 7.89 -34.20
CA LEU A 288 -38.06 9.31 -33.84
C LEU A 288 -37.40 10.17 -34.93
N ASN A 289 -36.45 9.57 -35.67
CA ASN A 289 -35.81 10.19 -36.83
C ASN A 289 -36.86 10.60 -37.87
N ARG A 290 -37.78 9.69 -38.16
CA ARG A 290 -38.90 9.91 -39.08
C ARG A 290 -39.88 10.96 -38.56
N ALA A 291 -40.32 10.79 -37.31
CA ALA A 291 -41.27 11.70 -36.64
C ALA A 291 -40.82 13.15 -36.68
N LEU A 292 -39.54 13.37 -36.36
CA LEU A 292 -38.94 14.70 -36.39
C LEU A 292 -38.69 15.22 -37.82
N ARG A 293 -38.23 14.36 -38.73
CA ARG A 293 -38.01 14.76 -40.12
C ARG A 293 -39.32 15.05 -40.88
N THR A 294 -40.42 14.48 -40.39
CA THR A 294 -41.77 14.81 -40.88
C THR A 294 -42.08 16.28 -40.52
N PHE A 295 -41.70 16.68 -39.31
CA PHE A 295 -41.84 18.07 -38.86
C PHE A 295 -40.91 19.02 -39.61
N LEU A 296 -39.67 18.58 -39.87
CA LEU A 296 -38.67 19.37 -40.59
C LEU A 296 -39.08 19.65 -42.03
N SER A 297 -39.57 18.61 -42.72
CA SER A 297 -40.10 18.72 -44.07
C SER A 297 -41.34 19.61 -44.14
N ALA A 298 -42.14 19.59 -43.07
CA ALA A 298 -43.34 20.43 -42.95
C ALA A 298 -42.99 21.91 -42.82
N GLU A 299 -42.02 22.22 -41.96
CA GLU A 299 -41.54 23.60 -41.80
C GLU A 299 -40.66 24.06 -42.96
N LEU A 300 -40.00 23.13 -43.66
CA LEU A 300 -39.21 23.44 -44.85
C LEU A 300 -40.08 23.75 -46.07
N ASN A 301 -41.23 23.08 -46.17
CA ASN A 301 -42.18 23.34 -47.25
C ASN A 301 -42.99 24.61 -47.06
N LEU A 302 -43.18 25.01 -45.80
CA LEU A 302 -43.77 26.31 -45.44
C LEU A 302 -42.82 27.43 -45.80
N GLU A 303 -41.52 27.15 -45.63
CA GLU A 303 -40.44 28.11 -45.88
CA GLU A 303 -40.42 28.10 -45.89
C GLU A 303 -40.29 28.43 -47.38
N GLN A 304 -40.42 27.40 -48.22
CA GLN A 304 -40.34 27.54 -49.68
C GLN A 304 -41.59 28.21 -50.24
N SER A 305 -42.73 28.00 -49.59
CA SER A 305 -44.02 28.56 -50.00
C SER A 305 -44.18 30.04 -49.63
N LYS A 306 -43.71 30.41 -48.44
CA LYS A 306 -43.67 31.81 -48.00
C LYS A 306 -42.72 32.61 -48.90
N HIS A 307 -41.54 32.04 -49.14
CA HIS A 307 -40.48 32.64 -49.98
C HIS A 307 -40.92 32.88 -51.41
N GLU A 308 -41.71 31.95 -51.95
CA GLU A 308 -42.24 32.07 -53.32
C GLU A 308 -43.15 33.28 -53.46
N GLY A 309 -44.06 33.45 -52.50
CA GLY A 309 -44.98 34.60 -52.46
C GLY A 309 -44.31 35.93 -52.17
N LEU A 310 -43.26 35.91 -51.33
CA LEU A 310 -42.47 37.10 -50.99
C LEU A 310 -41.69 37.67 -52.17
N ASP A 311 -41.19 36.79 -53.04
CA ASP A 311 -40.50 37.18 -54.27
C ASP A 311 -41.44 37.79 -55.32
N ALA A 312 -42.73 37.50 -55.21
CA ALA A 312 -43.78 38.10 -56.07
C ALA A 312 -44.07 39.55 -55.68
N ILE A 313 -44.13 39.81 -54.38
CA ILE A 313 -44.25 41.16 -53.83
C ILE A 313 -43.01 41.96 -54.21
N GLU A 314 -41.84 41.34 -53.98
CA GLU A 314 -40.54 41.93 -54.34
C GLU A 314 -40.44 42.27 -55.83
N ASN A 315 -40.99 41.41 -56.69
CA ASN A 315 -41.02 41.70 -58.13
C ASN A 315 -42.04 42.76 -58.54
N ALA A 316 -43.14 42.88 -57.79
CA ALA A 316 -44.12 43.96 -57.99
C ALA A 316 -43.53 45.34 -57.64
N VAL A 317 -42.61 45.34 -56.68
CA VAL A 317 -41.82 46.50 -56.28
C VAL A 317 -40.84 46.89 -57.40
N GLU A 318 -40.24 45.89 -58.03
CA GLU A 318 -39.27 46.07 -59.13
C GLU A 318 -39.87 46.62 -60.44
N ASN A 319 -40.80 45.86 -61.05
CA ASN A 319 -41.41 46.21 -62.35
C ASN A 319 -42.74 46.94 -62.24
N LEU A 320 -42.76 48.74 -59.79
CA LEU A 320 -43.22 50.09 -59.56
C LEU A 320 -42.57 51.07 -60.52
N ASP A 321 -43.36 51.53 -61.49
CA ASP A 321 -42.88 52.42 -62.55
C ASP A 321 -43.77 53.65 -62.66
N ALA A 322 -43.14 54.83 -62.69
CA ALA A 322 -43.84 56.11 -62.83
C ALA A 322 -44.41 56.31 -64.24
N THR A 323 -43.62 55.95 -65.25
CA THR A 323 -44.01 56.03 -66.67
C THR A 323 -45.19 55.10 -66.99
N SER A 324 -45.21 53.93 -66.35
CA SER A 324 -46.31 52.96 -66.49
C SER A 324 -47.61 53.45 -65.86
N ASP A 325 -47.52 54.09 -64.70
CA ASP A 325 -48.68 54.65 -64.01
C ASP A 325 -49.25 55.88 -64.70
N LYS A 326 -48.37 56.63 -65.37
CA LYS A 326 -48.76 57.78 -66.18
C LYS A 326 -49.63 57.34 -67.37
N GLN A 327 -49.16 56.32 -68.10
CA GLN A 327 -49.84 55.80 -69.28
C GLN A 327 -51.15 55.07 -68.94
N ARG A 328 -51.14 54.25 -67.89
CA ARG A 328 -52.34 53.50 -67.46
C ARG A 328 -53.48 54.38 -66.93
N LEU A 329 -53.13 55.54 -66.38
CA LEU A 329 -54.12 56.50 -65.87
C LEU A 329 -54.83 57.26 -66.99
N MET A 330 -54.08 57.57 -68.05
CA MET A 330 -54.62 58.27 -69.22
C MET A 330 -55.36 57.33 -70.18
N GLU A 331 -55.00 56.05 -70.18
CA GLU A 331 -55.73 55.01 -70.93
C GLU A 331 -57.11 54.73 -70.33
N MET A 332 -57.20 54.86 -69.00
CA MET A 332 -58.45 54.66 -68.27
C MET A 332 -59.43 55.81 -68.49
N TYR A 333 -58.90 57.04 -68.47
CA TYR A 333 -59.69 58.25 -68.67
C TYR A 333 -59.30 58.92 -70.00
N ASN A 334 -59.53 58.23 -71.12
CA ASN A 334 -59.21 58.78 -72.45
C ASN A 334 -60.11 59.95 -72.87
N ASN A 335 -61.26 60.07 -72.21
CA ASN A 335 -62.24 61.14 -72.46
C ASN A 335 -62.04 62.38 -71.59
N VAL A 336 -61.42 62.19 -70.43
CA VAL A 336 -61.14 63.27 -69.49
C VAL A 336 -59.91 64.06 -69.97
N PHE A 337 -58.81 63.35 -70.30
CA PHE A 337 -57.60 63.98 -70.84
C PHE A 337 -57.61 64.03 -72.37
N CYS A 338 -58.81 64.05 -72.95
CA CYS A 338 -59.02 64.06 -74.41
C CYS A 338 -58.56 65.38 -75.05
N PRO A 339 -57.54 65.31 -75.95
CA PRO A 339 -57.14 66.54 -76.65
C PRO A 339 -58.26 67.01 -77.59
N PRO A 340 -58.76 68.26 -77.41
CA PRO A 340 -59.88 68.72 -78.22
C PRO A 340 -59.47 69.18 -79.63
N MET A 341 -60.45 69.38 -80.50
CA MET A 341 -60.21 69.83 -81.88
C MET A 341 -59.59 71.22 -81.92
N LYS A 342 -58.51 71.33 -82.70
CA LYS A 342 -57.79 72.59 -82.95
C LYS A 342 -58.70 73.65 -83.55
N PHE A 343 -58.47 74.90 -83.17
CA PHE A 343 -59.26 76.03 -83.62
C PHE A 343 -58.85 76.42 -85.02
N GLU A 344 -59.74 76.12 -85.98
CA GLU A 344 -59.48 76.32 -87.40
C GLU A 344 -59.92 77.69 -87.88
N PHE A 345 -59.26 78.17 -88.94
CA PHE A 345 -59.54 79.45 -89.58
C PHE A 345 -60.97 79.50 -90.15
N GLN A 346 -61.78 80.43 -89.64
CA GLN A 346 -63.17 80.58 -90.05
C GLN A 346 -63.34 81.87 -90.86
N PRO A 347 -63.50 81.77 -92.20
CA PRO A 347 -63.66 82.97 -93.03
C PRO A 347 -65.01 83.66 -92.82
N HIS A 348 -65.01 84.99 -92.95
CA HIS A 348 -66.21 85.81 -92.78
C HIS A 348 -66.84 86.10 -94.14
N MET A 349 -68.14 85.84 -94.22
CA MET A 349 -68.98 86.01 -95.44
C MET A 349 -68.56 85.11 -96.62
N GLY A 350 -67.49 84.32 -96.45
CA GLY A 350 -66.89 83.53 -97.53
C GLY A 350 -65.62 84.17 -98.05
N ASP A 351 -64.73 84.54 -97.11
CA ASP A 351 -63.45 85.18 -97.41
C ASP A 351 -62.50 84.20 -98.08
N MET A 352 -62.04 84.59 -99.27
CA MET A 352 -61.21 83.74 -100.13
C MET A 352 -59.79 83.50 -99.60
N ALA A 353 -59.15 84.54 -99.07
CA ALA A 353 -57.80 84.43 -98.50
C ALA A 353 -57.78 83.54 -97.25
N SER A 354 -56.68 82.78 -97.08
CA SER A 354 -56.55 81.80 -96.00
C SER A 354 -55.19 81.81 -95.30
N GLN A 355 -54.21 82.47 -95.93
CA GLN A 355 -52.84 82.56 -95.42
C GLN A 355 -52.49 84.03 -95.11
N LEU A 356 -51.29 84.24 -94.55
CA LEU A 356 -50.75 85.58 -94.31
C LEU A 356 -50.45 86.31 -95.61
N CYS A 357 -51.21 87.37 -95.88
CA CYS A 357 -51.03 88.18 -97.08
C CYS A 357 -49.81 89.08 -96.88
N ALA A 358 -48.64 88.57 -97.29
CA ALA A 358 -47.36 89.24 -97.11
C ALA A 358 -47.04 90.29 -98.18
N GLN A 359 -48.10 90.80 -98.82
CA GLN A 359 -48.03 91.81 -99.88
C GLN A 359 -47.48 93.14 -99.35
N GLN A 360 -46.76 93.86 -100.21
CA GLN A 360 -46.26 95.21 -99.91
C GLN A 360 -47.46 96.17 -99.75
N PRO A 361 -47.47 97.04 -98.72
CA PRO A 361 -46.31 97.30 -97.86
C PRO A 361 -46.32 96.68 -96.45
N VAL A 362 -46.76 95.43 -96.32
CA VAL A 362 -46.71 94.75 -95.01
C VAL A 362 -45.49 93.83 -94.86
N GLN A 363 -44.90 93.47 -96.00
CA GLN A 363 -43.69 92.64 -96.13
C GLN A 363 -42.54 93.14 -95.24
N SER A 364 -42.24 94.44 -95.32
CA SER A 364 -41.17 95.08 -94.54
C SER A 364 -41.45 95.13 -93.04
N GLU A 365 -42.73 95.19 -92.69
CA GLU A 365 -43.21 95.16 -91.29
C GLU A 365 -43.07 93.77 -90.67
N LEU A 366 -43.33 92.74 -91.49
CA LEU A 366 -43.18 91.34 -91.10
C LEU A 366 -41.70 90.95 -90.97
N VAL A 367 -40.88 91.49 -91.89
CA VAL A 367 -39.41 91.35 -91.90
C VAL A 367 -38.82 91.94 -90.60
N GLN A 368 -39.38 93.09 -90.19
CA GLN A 368 -39.00 93.80 -88.98
C GLN A 368 -39.31 92.99 -87.70
N ARG A 369 -40.53 92.48 -87.62
CA ARG A 369 -41.02 91.75 -86.44
C ARG A 369 -40.36 90.38 -86.28
N CYS A 370 -40.22 89.65 -87.39
CA CYS A 370 -39.63 88.31 -87.40
C CYS A 370 -38.17 88.31 -86.95
N GLN A 371 -37.38 89.24 -87.49
CA GLN A 371 -35.96 89.38 -87.12
C GLN A 371 -35.78 89.87 -85.69
N GLN A 372 -36.80 90.55 -85.16
CA GLN A 372 -36.79 90.99 -83.76
C GLN A 372 -37.30 89.91 -82.79
N LEU A 373 -38.28 89.12 -83.23
CA LEU A 373 -38.76 87.97 -82.44
C LEU A 373 -37.71 86.87 -82.29
N GLN A 374 -36.86 86.73 -83.32
CA GLN A 374 -35.77 85.75 -83.40
C GLN A 374 -34.72 85.90 -82.29
N SER A 375 -34.43 87.14 -81.91
CA SER A 375 -33.52 87.45 -80.79
C SER A 375 -34.26 87.57 -79.46
N ARG A 376 -35.56 87.84 -79.51
CA ARG A 376 -36.41 87.93 -78.32
C ARG A 376 -36.76 86.57 -77.73
N LEU A 377 -37.07 85.61 -78.61
CA LEU A 377 -37.27 84.20 -78.23
C LEU A 377 -35.97 83.53 -77.76
N SER A 378 -34.85 83.95 -78.35
CA SER A 378 -33.52 83.47 -77.96
C SER A 378 -33.15 83.91 -76.55
N THR A 379 -33.42 85.16 -76.21
CA THR A 379 -33.15 85.71 -74.88
C THR A 379 -34.04 85.06 -73.82
N LEU A 380 -35.31 84.82 -74.15
CA LEU A 380 -36.27 84.19 -73.24
C LEU A 380 -35.89 82.74 -72.90
N LYS A 381 -35.54 81.98 -73.93
CA LYS A 381 -35.10 80.58 -73.79
C LYS A 381 -33.81 80.45 -72.97
N ILE A 382 -32.86 81.36 -73.24
CA ILE A 382 -31.56 81.43 -72.53
C ILE A 382 -31.75 81.49 -71.00
N GLU A 383 -32.72 82.29 -70.55
CA GLU A 383 -32.97 82.45 -69.11
C GLU A 383 -34.16 81.62 -68.55
N ASN A 384 -34.91 80.96 -69.44
CA ASN A 384 -35.91 79.97 -68.99
C ASN A 384 -35.25 78.65 -68.59
N GLU A 385 -34.08 78.37 -69.18
CA GLU A 385 -33.32 77.17 -68.83
C GLU A 385 -32.29 77.44 -67.73
N GLU A 386 -31.36 78.36 -67.96
CA GLU A 386 -30.31 78.71 -66.99
C GLU A 386 -30.67 79.98 -66.23
N VAL A 387 -33.61 78.69 -65.05
CA VAL A 387 -34.71 78.28 -64.18
C VAL A 387 -34.83 76.75 -64.12
N LYS A 388 -35.01 76.11 -65.28
CA LYS A 388 -35.14 74.64 -65.43
C LYS A 388 -33.95 73.88 -64.84
N LYS A 389 -32.75 74.45 -65.02
CA LYS A 389 -31.51 73.87 -64.48
C LYS A 389 -31.48 73.88 -62.95
N THR A 390 -32.08 74.90 -62.35
CA THR A 390 -32.23 74.98 -60.89
C THR A 390 -33.37 74.08 -60.44
N MET A 391 -34.42 74.03 -61.26
CA MET A 391 -35.61 73.19 -61.05
C MET A 391 -35.29 71.70 -61.13
N GLU A 392 -34.27 71.35 -61.94
CA GLU A 392 -33.78 69.98 -62.04
C GLU A 392 -32.79 69.64 -60.94
N ALA A 393 -32.12 70.67 -60.41
CA ALA A 393 -31.21 70.53 -59.25
C ALA A 393 -32.00 70.33 -57.97
N THR A 394 -33.07 71.10 -57.82
CA THR A 394 -33.98 71.04 -56.68
C THR A 394 -34.73 69.70 -56.65
N LEU A 395 -35.18 69.25 -57.82
CA LEU A 395 -35.84 67.95 -57.99
C LEU A 395 -34.93 66.80 -57.57
N GLN A 396 -33.68 66.87 -58.04
CA GLN A 396 -32.63 65.90 -57.68
C GLN A 396 -32.30 65.93 -56.19
N THR A 397 -32.33 67.13 -55.60
CA THR A 397 -32.14 67.33 -54.16
C THR A 397 -33.22 66.60 -53.36
N ILE A 398 -34.50 66.80 -53.71
CA ILE A 398 -35.63 66.10 -53.07
C ILE A 398 -35.57 64.60 -53.39
N GLN A 399 -35.16 64.26 -54.61
CA GLN A 399 -35.02 62.86 -55.04
C GLN A 399 -33.95 62.09 -54.25
N ASP A 400 -32.82 62.75 -53.97
CA ASP A 400 -31.75 62.16 -53.17
C ASP A 400 -32.08 62.01 -51.68
N ILE A 401 -33.09 62.75 -51.23
CA ILE A 401 -33.63 62.59 -49.87
C ILE A 401 -34.51 61.33 -49.81
N VAL A 402 -35.40 61.16 -50.78
CA VAL A 402 -36.31 60.01 -50.84
C VAL A 402 -35.69 58.70 -51.37
N THR A 403 -34.60 58.79 -52.13
CA THR A 403 -33.86 57.60 -52.59
C THR A 403 -32.75 57.24 -51.58
N VAL A 404 -33.19 56.85 -50.39
CA VAL A 404 -32.30 56.47 -49.29
C VAL A 404 -32.54 55.00 -48.96
N GLU A 405 -31.46 54.28 -48.63
CA GLU A 405 -31.52 52.86 -48.32
C GLU A 405 -31.64 52.62 -46.82
N ASP A 406 -32.80 53.03 -46.27
CA ASP A 406 -33.14 52.83 -44.86
C ASP A 406 -34.27 51.78 -44.69
N PHE A 407 -34.01 50.59 -45.23
CA PHE A 407 -34.98 49.49 -45.16
C PHE A 407 -34.46 48.23 -44.46
N ASP A 408 -33.14 48.04 -44.48
CA ASP A 408 -32.48 46.89 -43.87
C ASP A 408 -32.60 46.93 -42.33
N VAL A 409 -33.49 46.07 -41.83
CA VAL A 409 -33.80 45.97 -40.38
C VAL A 409 -33.13 44.75 -39.72
N SER A 410 -31.96 44.40 -40.26
CA SER A 410 -31.11 43.32 -39.75
C SER A 410 -30.59 43.63 -38.34
N ASP A 411 -30.48 44.92 -38.02
CA ASP A 411 -30.08 45.42 -36.71
C ASP A 411 -31.11 45.15 -35.62
N CYS A 412 -32.38 45.03 -36.02
CA CYS A 412 -33.49 44.82 -35.11
C CYS A 412 -33.58 43.39 -34.56
N PHE A 413 -33.04 42.43 -35.31
CA PHE A 413 -33.07 41.00 -34.96
C PHE A 413 -31.80 40.50 -34.26
N GLN A 414 -30.82 41.38 -34.10
CA GLN A 414 -29.52 41.03 -33.50
C GLN A 414 -29.53 41.21 -31.99
N TYR A 415 -29.11 40.16 -31.28
CA TYR A 415 -29.05 40.16 -29.81
C TYR A 415 -27.62 39.91 -29.32
N LYS A 433 -32.10 59.95 -32.90
CA LYS A 433 -31.31 61.19 -32.86
C LYS A 433 -32.21 62.45 -32.97
N PRO A 434 -31.85 63.53 -32.23
CA PRO A 434 -32.66 64.77 -32.23
C PRO A 434 -32.65 65.58 -33.54
N SER A 435 -31.79 65.17 -34.47
CA SER A 435 -31.61 65.86 -35.76
C SER A 435 -32.66 65.49 -36.82
N ILE A 436 -33.57 64.58 -36.46
CA ILE A 436 -34.67 64.12 -37.36
C ILE A 436 -35.76 65.20 -37.58
N ALA A 437 -35.95 66.06 -36.58
CA ALA A 437 -36.91 67.17 -36.63
C ALA A 437 -36.48 68.29 -37.57
N LYS A 438 -35.17 68.41 -37.79
CA LYS A 438 -34.56 69.41 -38.68
C LYS A 438 -34.54 68.96 -40.14
N ARG A 439 -34.30 67.65 -40.37
CA ARG A 439 -34.29 67.04 -41.71
C ARG A 439 -35.65 67.04 -42.40
N ARG A 440 -36.70 66.80 -41.61
CA ARG A 440 -38.08 66.79 -42.10
C ARG A 440 -38.56 68.20 -42.48
N ALA A 441 -38.21 69.19 -41.65
CA ALA A 441 -38.48 70.61 -41.91
C ALA A 441 -37.72 71.11 -43.14
N ASN A 442 -36.50 70.60 -43.31
CA ASN A 442 -35.63 70.88 -44.47
C ASN A 442 -36.19 70.38 -45.80
N GLN A 443 -36.94 69.27 -45.76
CA GLN A 443 -37.58 68.70 -46.96
C GLN A 443 -38.75 69.56 -47.45
N GLN A 444 -39.46 70.19 -46.51
CA GLN A 444 -40.63 71.03 -46.82
C GLN A 444 -40.27 72.49 -47.13
N GLU A 445 -38.97 72.81 -47.10
CA GLU A 445 -38.44 74.10 -47.55
C GLU A 445 -37.94 73.99 -49.01
N THR A 446 -37.46 72.80 -49.36
CA THR A 446 -36.97 72.48 -50.71
C THR A 446 -38.14 72.26 -51.70
N GLU A 447 -39.20 71.61 -51.20
CA GLU A 447 -40.44 71.39 -51.96
C GLU A 447 -41.16 72.71 -52.26
N GLN A 448 -41.32 73.53 -51.22
CA GLN A 448 -41.83 74.91 -51.33
C GLN A 448 -41.12 75.69 -52.43
N PHE A 449 -39.80 75.59 -52.45
CA PHE A 449 -38.94 76.22 -53.46
C PHE A 449 -39.08 75.60 -54.85
N TYR A 450 -39.19 74.28 -54.91
CA TYR A 450 -39.39 73.53 -56.18
C TYR A 450 -40.63 74.00 -56.94
N PHE A 451 -41.72 74.19 -56.21
CA PHE A 451 -42.99 74.67 -56.77
C PHE A 451 -42.90 76.10 -57.26
N THR A 452 -42.18 76.94 -56.51
CA THR A 452 -41.97 78.35 -56.85
C THR A 452 -41.02 78.50 -58.05
N LYS A 453 -40.21 77.47 -58.30
CA LYS A 453 -39.38 77.41 -59.50
C LYS A 453 -40.16 76.86 -60.69
N MET A 454 -41.10 75.95 -60.42
CA MET A 454 -41.97 75.37 -61.44
C MET A 454 -43.02 76.37 -61.94
N LYS A 455 -43.68 77.07 -61.01
CA LYS A 455 -44.59 78.17 -61.34
C LYS A 455 -43.88 79.19 -62.23
N GLU A 456 -42.62 79.47 -61.89
CA GLU A 456 -41.75 80.38 -62.68
C GLU A 456 -41.34 79.82 -64.04
N TYR A 457 -41.11 78.50 -64.12
CA TYR A 457 -40.73 77.84 -65.37
C TYR A 457 -41.89 77.67 -66.35
N LEU A 458 -43.05 77.28 -65.82
CA LEU A 458 -44.26 77.06 -66.63
C LEU A 458 -44.90 78.37 -67.11
N GLU A 459 -44.90 79.39 -66.25
CA GLU A 459 -45.36 80.73 -66.64
C GLU A 459 -44.54 81.28 -67.80
N GLY A 460 -43.22 81.06 -67.74
CA GLY A 460 -42.29 81.43 -68.81
C GLY A 460 -42.45 80.58 -70.05
N ARG A 461 -42.84 79.32 -69.86
CA ARG A 461 -43.11 78.38 -70.95
C ARG A 461 -44.28 78.85 -71.82
N ASN A 462 -45.37 79.29 -71.17
CA ASN A 462 -46.59 79.79 -71.83
C ASN A 462 -46.34 80.87 -72.87
N LEU A 463 -45.50 81.83 -72.52
CA LEU A 463 -45.19 82.95 -73.40
C LEU A 463 -44.27 82.56 -74.54
N ILE A 464 -43.33 81.64 -74.30
CA ILE A 464 -42.42 81.14 -75.35
C ILE A 464 -43.22 80.40 -76.43
N THR A 465 -44.29 79.72 -76.03
CA THR A 465 -45.19 79.01 -76.94
C THR A 465 -45.92 79.99 -77.87
N LYS A 466 -46.57 81.01 -77.29
CA LYS A 466 -47.31 82.01 -78.08
C LYS A 466 -46.42 82.89 -78.95
N LEU A 467 -45.14 83.01 -78.58
CA LEU A 467 -44.14 83.78 -79.35
C LEU A 467 -43.49 82.97 -80.47
N GLN A 468 -43.23 81.69 -80.21
CA GLN A 468 -42.68 80.78 -81.21
C GLN A 468 -43.70 80.48 -82.33
N ALA A 469 -44.95 80.26 -81.93
CA ALA A 469 -46.06 79.96 -82.86
C ALA A 469 -46.30 81.07 -83.87
N LYS A 470 -46.20 82.32 -83.42
CA LYS A 470 -46.29 83.49 -84.29
C LYS A 470 -45.05 83.63 -85.18
N HIS A 471 -43.89 83.28 -84.63
CA HIS A 471 -42.61 83.36 -85.34
C HIS A 471 -42.44 82.33 -86.45
N ASP A 472 -42.85 81.09 -86.18
CA ASP A 472 -42.72 80.01 -87.14
C ASP A 472 -43.66 80.14 -88.34
N LEU A 473 -44.83 80.73 -88.13
CA LEU A 473 -45.77 81.02 -89.22
C LEU A 473 -45.27 82.19 -90.07
N LEU A 474 -44.60 83.14 -89.42
CA LEU A 474 -43.90 84.26 -90.07
C LEU A 474 -42.76 83.81 -91.01
N GLN A 475 -42.06 82.75 -90.60
CA GLN A 475 -40.90 82.20 -91.32
C GLN A 475 -41.27 81.41 -92.59
N LYS A 476 -42.39 80.68 -92.52
CA LYS A 476 -42.91 79.85 -93.63
C LYS A 476 -43.45 80.69 -94.79
N THR A 477 -44.11 81.78 -94.44
CA THR A 477 -44.67 82.72 -95.41
C THR A 477 -43.54 83.44 -96.16
N LEU A 478 -42.49 83.81 -95.42
CA LEU A 478 -41.37 84.57 -95.97
C LEU A 478 -40.02 83.93 -95.65
N GLY A 479 -39.47 84.26 -94.48
CA GLY A 479 -38.15 83.81 -94.05
C GLY A 479 -37.44 84.90 -93.26
N GLU A 480 -36.35 85.42 -93.83
CA GLU A 480 -35.62 86.57 -93.26
C GLU A 480 -34.88 87.39 -94.35
N SER A 481 -35.66 88.10 -95.15
CA SER A 481 -35.14 89.01 -96.19
C SER A 481 -35.97 90.29 -96.29
N LYS B 8 76.67 -41.04 96.10
CA LYS B 8 75.33 -41.34 95.49
C LYS B 8 74.64 -42.51 96.20
N LYS B 9 73.58 -42.19 96.93
CA LYS B 9 72.86 -43.12 97.82
C LYS B 9 71.98 -44.14 97.06
N ASP B 10 71.57 -45.20 97.78
CA ASP B 10 70.71 -46.30 97.28
C ASP B 10 69.38 -45.82 96.69
N LYS B 11 68.82 -44.78 97.30
CA LYS B 11 67.52 -44.23 96.90
C LYS B 11 67.66 -43.05 95.92
N GLU B 12 68.81 -42.38 95.95
CA GLU B 12 69.11 -41.26 95.05
C GLU B 12 69.04 -41.68 93.59
N ILE B 13 69.55 -42.87 93.29
CA ILE B 13 69.57 -43.45 91.95
C ILE B 13 68.15 -43.88 91.54
N ILE B 14 67.46 -44.60 92.42
CA ILE B 14 66.11 -45.14 92.15
C ILE B 14 65.05 -44.04 91.95
N ALA B 15 65.17 -42.94 92.67
CA ALA B 15 64.23 -41.83 92.55
C ALA B 15 64.47 -41.02 91.28
N GLU B 16 65.72 -40.98 90.82
CA GLU B 16 66.09 -40.23 89.60
C GLU B 16 65.52 -40.89 88.35
N TYR B 17 65.65 -42.21 88.27
CA TYR B 17 65.05 -43.00 87.18
C TYR B 17 63.52 -42.98 87.25
N ASP B 18 62.97 -43.05 88.46
CA ASP B 18 61.52 -43.08 88.66
C ASP B 18 60.84 -41.75 88.28
N THR B 19 61.58 -40.65 88.39
CA THR B 19 61.13 -39.33 87.93
C THR B 19 61.12 -39.29 86.39
N GLN B 20 62.18 -39.82 85.77
CA GLN B 20 62.31 -39.91 84.32
C GLN B 20 61.22 -40.79 83.70
N VAL B 21 60.85 -41.86 84.41
CA VAL B 21 59.83 -42.83 83.97
C VAL B 21 58.42 -42.27 84.13
N LYS B 22 58.14 -41.61 85.26
CA LYS B 22 56.85 -40.97 85.49
C LYS B 22 56.53 -39.91 84.42
N GLU B 23 57.59 -39.33 83.86
CA GLU B 23 57.50 -38.43 82.70
C GLU B 23 57.09 -39.19 81.45
N ILE B 24 57.67 -40.38 81.25
CA ILE B 24 57.41 -41.20 80.06
C ILE B 24 55.96 -41.72 80.08
N ARG B 25 55.50 -42.23 81.23
CA ARG B 25 54.10 -42.66 81.40
C ARG B 25 53.12 -41.52 81.14
N ALA B 26 53.51 -40.30 81.52
CA ALA B 26 52.73 -39.08 81.24
C ALA B 26 52.77 -38.74 79.76
N GLN B 27 53.95 -38.91 79.14
CA GLN B 27 54.16 -38.63 77.72
C GLN B 27 53.38 -39.61 76.84
N LEU B 28 53.48 -40.90 77.17
CA LEU B 28 52.80 -41.98 76.46
C LEU B 28 51.29 -41.84 76.47
N THR B 29 50.73 -41.50 77.64
CA THR B 29 49.29 -41.27 77.76
C THR B 29 48.82 -40.02 77.00
N GLU B 30 49.68 -38.99 76.93
CA GLU B 30 49.39 -37.79 76.15
C GLU B 30 49.57 -38.00 74.64
N GLN B 31 50.27 -39.08 74.27
CA GLN B 31 50.41 -39.50 72.88
C GLN B 31 49.13 -40.17 72.37
N MET B 32 48.44 -40.90 73.25
CA MET B 32 47.18 -41.57 72.90
C MET B 32 45.99 -40.63 72.94
N LYS B 33 46.08 -39.62 73.81
CA LYS B 33 45.12 -38.51 73.86
C LYS B 33 45.21 -37.67 72.59
N CYS B 34 46.42 -37.57 72.04
CA CYS B 34 46.72 -36.89 70.78
C CYS B 34 46.10 -37.61 69.59
N LEU B 35 46.19 -38.94 69.57
CA LEU B 35 45.55 -39.76 68.54
C LEU B 35 44.03 -39.68 68.58
N ASP B 36 43.47 -39.61 69.79
CA ASP B 36 42.03 -39.44 69.98
C ASP B 36 41.49 -38.10 69.47
N GLN B 37 42.33 -37.07 69.49
CA GLN B 37 41.98 -35.77 68.92
C GLN B 37 41.97 -35.82 67.40
N GLN B 38 42.98 -36.46 66.82
CA GLN B 38 43.08 -36.69 65.37
C GLN B 38 41.97 -37.55 64.80
N CYS B 39 41.46 -38.49 65.59
CA CYS B 39 40.32 -39.32 65.19
C CYS B 39 39.03 -38.51 65.20
N GLU B 40 38.84 -37.69 66.25
CA GLU B 40 37.71 -36.76 66.35
C GLU B 40 37.71 -35.77 65.19
N LEU B 41 38.91 -35.34 64.80
CA LEU B 41 39.15 -34.48 63.63
C LEU B 41 38.83 -35.18 62.31
N ARG B 42 39.37 -36.39 62.14
CA ARG B 42 39.13 -37.21 60.94
C ARG B 42 37.66 -37.47 60.73
N VAL B 43 36.92 -37.70 61.83
CA VAL B 43 35.47 -37.92 61.83
C VAL B 43 34.67 -36.62 61.61
N GLN B 44 35.15 -35.52 62.19
CA GLN B 44 34.51 -34.20 62.09
C GLN B 44 34.49 -33.70 60.65
N LEU B 45 35.64 -33.82 59.97
CA LEU B 45 35.82 -33.43 58.59
C LEU B 45 34.91 -34.21 57.65
N LEU B 46 34.81 -35.52 57.87
CA LEU B 46 33.94 -36.41 57.10
C LEU B 46 32.45 -36.08 57.30
N GLN B 47 32.11 -35.67 58.52
CA GLN B 47 30.75 -35.23 58.84
C GLN B 47 30.45 -33.86 58.23
N ASP B 48 31.43 -32.96 58.28
CA ASP B 48 31.38 -31.64 57.61
C ASP B 48 31.15 -31.80 56.11
N LEU B 49 31.86 -32.76 55.50
CA LEU B 49 31.74 -33.10 54.08
C LEU B 49 30.36 -33.65 53.75
N GLN B 50 29.87 -34.54 54.61
CA GLN B 50 28.53 -35.13 54.48
C GLN B 50 27.42 -34.08 54.44
N ASP B 51 27.33 -33.30 55.52
CA ASP B 51 26.33 -32.23 55.66
C ASP B 51 26.45 -31.20 54.54
N PHE B 52 27.68 -30.95 54.09
CA PHE B 52 28.01 -30.01 53.00
C PHE B 52 27.37 -30.45 51.69
N PHE B 53 27.67 -31.68 51.27
CA PHE B 53 27.15 -32.18 50.03
C PHE B 53 25.66 -32.47 50.07
N ARG B 54 25.13 -32.76 51.25
CA ARG B 54 23.67 -32.91 51.43
C ARG B 54 22.93 -31.61 51.19
N LYS B 55 23.49 -30.51 51.71
CA LYS B 55 22.92 -29.17 51.48
C LYS B 55 23.27 -28.67 50.07
N LYS B 56 24.44 -29.08 49.56
CA LYS B 56 24.82 -28.70 48.19
C LYS B 56 23.91 -29.36 47.18
N ALA B 57 23.57 -30.63 47.42
CA ALA B 57 22.63 -31.38 46.58
C ALA B 57 21.22 -30.80 46.62
N GLU B 58 20.80 -30.36 47.80
CA GLU B 58 19.52 -29.68 48.03
C GLU B 58 19.43 -28.40 47.19
N ILE B 59 20.54 -27.66 47.17
CA ILE B 59 20.66 -26.38 46.46
C ILE B 59 20.76 -26.56 44.94
N GLU B 60 21.47 -27.60 44.50
CA GLU B 60 21.59 -27.92 43.07
C GLU B 60 20.24 -28.32 42.47
N MET B 61 19.49 -29.15 43.21
CA MET B 61 18.14 -29.58 42.82
C MET B 61 17.12 -28.45 42.83
N ASP B 62 17.30 -27.52 43.78
CA ASP B 62 16.49 -26.32 43.89
C ASP B 62 16.72 -25.40 42.68
N TYR B 63 18.00 -25.27 42.30
CA TYR B 63 18.44 -24.50 41.14
C TYR B 63 17.92 -25.13 39.84
N SER B 64 18.01 -26.48 39.76
CA SER B 64 17.51 -27.26 38.63
C SER B 64 16.00 -27.09 38.43
N ARG B 65 15.28 -27.03 39.54
CA ARG B 65 13.82 -26.91 39.57
C ARG B 65 13.36 -25.59 38.94
N ASN B 66 13.99 -24.49 39.36
CA ASN B 66 13.66 -23.14 38.91
C ASN B 66 13.98 -22.89 37.44
N LEU B 67 15.05 -23.54 36.95
CA LEU B 67 15.45 -23.44 35.55
C LEU B 67 14.49 -24.19 34.61
N GLU B 68 14.00 -25.34 35.07
CA GLU B 68 12.98 -26.10 34.32
C GLU B 68 11.63 -25.36 34.31
N LYS B 69 11.34 -24.66 35.41
CA LYS B 69 10.15 -23.80 35.54
C LYS B 69 10.20 -22.62 34.57
N LEU B 70 11.39 -22.03 34.45
CA LEU B 70 11.64 -20.92 33.53
C LEU B 70 11.56 -21.34 32.06
N ALA B 71 12.33 -22.37 31.69
CA ALA B 71 12.40 -22.89 30.32
C ALA B 71 11.05 -23.31 29.76
N GLU B 72 10.29 -24.07 30.55
CA GLU B 72 8.95 -24.53 30.13
C GLU B 72 7.88 -23.43 30.11
N ARG B 73 8.09 -22.36 30.90
CA ARG B 73 7.21 -21.18 30.87
C ARG B 73 7.20 -20.54 29.48
N PHE B 74 8.36 -20.58 28.81
CA PHE B 74 8.56 -20.04 27.46
C PHE B 74 8.54 -21.11 26.35
N LEU B 75 8.73 -22.38 26.72
CA LEU B 75 8.70 -23.50 25.76
C LEU B 75 7.29 -23.84 25.27
N ALA B 76 6.30 -23.72 26.16
CA ALA B 76 4.90 -23.92 25.82
C ALA B 76 4.36 -22.81 24.92
N LYS B 77 5.02 -21.65 24.96
CA LYS B 77 4.73 -20.51 24.08
C LYS B 77 5.49 -20.64 22.74
N THR B 78 5.28 -21.77 22.05
CA THR B 78 5.89 -22.06 20.74
C THR B 78 4.91 -22.85 19.87
N ASN B 91 9.23 -22.90 8.58
CA ASN B 91 10.45 -22.10 8.46
C ASN B 91 10.72 -21.28 9.72
N VAL B 92 11.83 -21.61 10.38
CA VAL B 92 12.29 -20.88 11.57
C VAL B 92 13.32 -19.84 11.11
N LEU B 93 13.14 -18.60 11.55
CA LEU B 93 14.05 -17.48 11.25
C LEU B 93 15.30 -17.52 12.14
N SER B 94 16.35 -16.82 11.72
CA SER B 94 17.60 -16.77 12.50
C SER B 94 17.53 -16.15 13.92
N PRO B 95 16.69 -15.10 14.15
CA PRO B 95 16.54 -14.62 15.54
C PRO B 95 15.73 -15.57 16.41
N VAL B 96 14.71 -16.18 15.80
CA VAL B 96 13.87 -17.20 16.45
C VAL B 96 14.73 -18.40 16.87
N ASN B 97 15.60 -18.85 15.96
CA ASN B 97 16.53 -19.96 16.17
C ASN B 97 17.52 -19.72 17.31
N CYS B 98 17.95 -18.47 17.46
CA CYS B 98 18.78 -18.06 18.58
C CYS B 98 18.01 -18.22 19.89
N TRP B 99 16.77 -17.74 19.90
CA TRP B 99 15.86 -17.84 21.05
C TRP B 99 15.52 -19.30 21.40
N ASN B 100 15.40 -20.13 20.37
CA ASN B 100 15.16 -21.57 20.52
C ASN B 100 16.30 -22.27 21.23
N LEU B 101 17.53 -21.89 20.86
CA LEU B 101 18.74 -22.46 21.45
C LEU B 101 19.09 -21.85 22.81
N LEU B 102 18.45 -20.71 23.13
CA LEU B 102 18.55 -20.11 24.46
C LEU B 102 17.67 -20.83 25.47
N LEU B 103 16.48 -21.25 25.04
CA LEU B 103 15.55 -22.03 25.87
C LEU B 103 15.99 -23.47 26.04
N ASN B 104 16.56 -24.03 24.96
CA ASN B 104 17.15 -25.37 24.91
C ASN B 104 18.31 -25.54 25.91
N GLN B 105 19.20 -24.56 25.94
CA GLN B 105 20.34 -24.51 26.87
C GLN B 105 19.90 -24.52 28.34
N VAL B 106 18.89 -23.72 28.66
CA VAL B 106 18.34 -23.60 30.03
C VAL B 106 17.69 -24.92 30.47
N LYS B 107 17.00 -25.60 29.55
CA LYS B 107 16.43 -26.93 29.79
C LYS B 107 17.52 -28.01 29.93
N ARG B 108 18.64 -27.81 29.22
CA ARG B 108 19.78 -28.71 29.26
C ARG B 108 20.59 -28.57 30.57
N GLU B 109 20.89 -27.32 30.94
CA GLU B 109 21.65 -26.99 32.16
C GLU B 109 20.97 -27.46 33.44
N SER B 110 19.63 -27.43 33.46
CA SER B 110 18.82 -27.88 34.58
C SER B 110 18.88 -29.40 34.77
N ARG B 111 18.86 -30.13 33.67
CA ARG B 111 18.97 -31.60 33.70
C ARG B 111 20.37 -32.06 34.13
N ASP B 112 21.38 -31.26 33.82
CA ASP B 112 22.76 -31.49 34.27
C ASP B 112 22.91 -31.30 35.78
N HIS B 113 22.06 -30.43 36.35
CA HIS B 113 22.09 -30.11 37.78
C HIS B 113 21.32 -31.11 38.65
N THR B 114 20.33 -31.78 38.07
CA THR B 114 19.63 -32.88 38.74
C THR B 114 20.60 -34.04 38.91
N THR B 115 21.36 -34.33 37.85
CA THR B 115 22.36 -35.39 37.83
C THR B 115 23.56 -35.07 38.76
N LEU B 116 23.99 -33.81 38.78
CA LEU B 116 25.05 -33.35 39.70
C LEU B 116 24.62 -33.51 41.16
N SER B 117 23.33 -33.35 41.42
CA SER B 117 22.74 -33.56 42.74
C SER B 117 22.66 -35.03 43.12
N ASP B 118 22.35 -35.88 42.13
CA ASP B 118 22.30 -37.34 42.31
C ASP B 118 23.68 -37.94 42.59
N ILE B 119 24.71 -37.39 41.94
CA ILE B 119 26.12 -37.78 42.17
C ILE B 119 26.52 -37.46 43.60
N TYR B 120 26.09 -36.29 44.10
CA TYR B 120 26.34 -35.86 45.47
C TYR B 120 25.76 -36.80 46.53
N LEU B 121 24.58 -37.35 46.25
CA LEU B 121 23.85 -38.21 47.21
C LEU B 121 24.12 -39.71 47.08
N ASN B 122 24.18 -40.21 45.84
CA ASN B 122 24.33 -41.64 45.56
C ASN B 122 25.78 -42.12 45.36
N ASN B 123 26.70 -41.18 45.13
CA ASN B 123 28.10 -41.51 44.83
C ASN B 123 29.09 -40.89 45.83
N ILE B 124 29.01 -39.58 46.02
CA ILE B 124 29.93 -38.82 46.87
C ILE B 124 29.70 -39.10 48.37
N ILE B 125 28.48 -38.86 48.87
CA ILE B 125 28.10 -39.10 50.28
C ILE B 125 28.33 -40.56 50.78
N PRO B 126 27.93 -41.60 50.00
CA PRO B 126 28.17 -42.96 50.49
C PRO B 126 29.64 -43.36 50.70
N ARG B 127 30.57 -42.59 50.13
CA ARG B 127 32.00 -42.78 50.40
C ARG B 127 32.37 -42.22 51.77
N PHE B 128 31.79 -41.08 52.13
CA PHE B 128 32.03 -40.47 53.44
C PHE B 128 31.48 -41.29 54.60
N VAL B 129 30.27 -41.86 54.45
CA VAL B 129 29.68 -42.72 55.49
C VAL B 129 30.52 -43.99 55.75
N GLN B 130 31.08 -44.53 54.66
CA GLN B 130 31.99 -45.69 54.69
C GLN B 130 33.30 -45.35 55.40
N VAL B 131 33.90 -44.23 55.00
CA VAL B 131 35.17 -43.77 55.59
C VAL B 131 34.98 -43.26 57.02
N SER B 132 33.76 -42.81 57.35
CA SER B 132 33.43 -42.39 58.74
C SER B 132 33.37 -43.58 59.68
N GLU B 133 32.98 -44.73 59.16
CA GLU B 133 33.02 -45.99 59.89
C GLU B 133 34.43 -46.58 59.90
N ASP B 134 35.12 -46.47 58.76
CA ASP B 134 36.51 -46.93 58.61
C ASP B 134 37.51 -46.18 59.50
N SER B 135 37.32 -44.87 59.62
CA SER B 135 38.14 -44.04 60.50
C SER B 135 37.86 -44.35 61.98
N GLY B 136 36.67 -44.84 62.28
CA GLY B 136 36.30 -45.30 63.62
C GLY B 136 36.93 -46.64 63.96
N ARG B 137 36.76 -47.60 63.05
CA ARG B 137 37.23 -48.98 63.23
C ARG B 137 38.75 -49.12 63.19
N LEU B 138 39.40 -48.52 62.19
CA LEU B 138 40.85 -48.63 62.03
C LEU B 138 41.67 -47.89 63.11
N PHE B 139 41.08 -46.85 63.69
CA PHE B 139 41.67 -46.14 64.85
C PHE B 139 41.70 -47.06 66.06
N LYS B 140 40.58 -47.75 66.31
CA LYS B 140 40.46 -48.73 67.41
C LYS B 140 41.48 -49.87 67.29
N LYS B 141 41.77 -50.27 66.06
CA LYS B 141 42.78 -51.29 65.80
C LYS B 141 44.21 -50.73 65.80
N SER B 142 44.36 -49.43 65.50
CA SER B 142 45.67 -48.75 65.57
C SER B 142 46.09 -48.51 67.02
N LYS B 143 45.14 -48.06 67.84
CA LYS B 143 45.31 -47.86 69.28
C LYS B 143 45.61 -49.20 69.98
N GLU B 144 45.08 -50.29 69.42
CA GLU B 144 45.34 -51.66 69.89
C GLU B 144 46.83 -52.01 69.77
N VAL B 145 47.44 -51.63 68.63
CA VAL B 145 48.88 -51.82 68.38
C VAL B 145 49.67 -50.83 69.24
N GLY B 146 49.17 -49.60 69.31
CA GLY B 146 49.73 -48.54 70.14
C GLY B 146 49.90 -48.95 71.60
N GLN B 147 48.79 -49.38 72.22
CA GLN B 147 48.79 -49.85 73.61
C GLN B 147 49.68 -51.07 73.81
N GLN B 148 49.72 -51.93 72.80
CA GLN B 148 50.60 -53.10 72.79
C GLN B 148 52.07 -52.69 72.74
N LEU B 149 52.36 -51.57 72.08
CA LEU B 149 53.71 -51.03 72.02
C LEU B 149 54.12 -50.31 73.30
N GLN B 150 53.18 -49.57 73.88
CA GLN B 150 53.39 -48.82 75.12
C GLN B 150 53.69 -49.75 76.28
N ASP B 151 52.88 -50.79 76.42
CA ASP B 151 53.02 -51.81 77.47
C ASP B 151 54.33 -52.56 77.33
N ASP B 152 54.69 -52.91 76.08
CA ASP B 152 55.96 -53.60 75.77
C ASP B 152 57.19 -52.77 76.10
N LEU B 153 57.08 -51.45 75.96
CA LEU B 153 58.16 -50.54 76.34
C LEU B 153 58.24 -50.42 77.86
N MET B 154 57.08 -50.27 78.49
CA MET B 154 56.96 -50.18 79.96
C MET B 154 57.51 -51.41 80.68
N LYS B 155 57.48 -52.55 79.98
CA LYS B 155 58.12 -53.77 80.45
C LYS B 155 59.63 -53.61 80.57
N VAL B 156 60.26 -53.06 79.54
CA VAL B 156 61.72 -52.86 79.49
C VAL B 156 62.17 -51.85 80.55
N LEU B 157 61.33 -50.84 80.78
CA LEU B 157 61.62 -49.78 81.75
C LEU B 157 61.62 -50.34 83.17
N ASN B 158 60.51 -50.98 83.57
CA ASN B 158 60.41 -51.58 84.89
C ASN B 158 61.24 -52.84 85.09
N GLU B 159 61.82 -53.34 83.99
CA GLU B 159 62.80 -54.42 84.03
C GLU B 159 64.06 -53.95 84.76
N LEU B 160 64.52 -52.76 84.38
CA LEU B 160 65.72 -52.11 84.92
C LEU B 160 65.64 -51.86 86.43
N TYR B 161 64.42 -51.60 86.91
CA TYR B 161 64.11 -51.38 88.32
C TYR B 161 64.71 -52.43 89.25
N SER B 162 64.48 -53.70 88.93
CA SER B 162 64.98 -54.83 89.70
C SER B 162 66.46 -55.14 89.44
N VAL B 163 66.96 -54.75 88.26
CA VAL B 163 68.34 -55.02 87.84
C VAL B 163 69.33 -54.13 88.58
N MET B 164 69.01 -52.83 88.69
CA MET B 164 69.88 -51.93 89.44
C MET B 164 69.72 -52.07 90.95
N LYS B 165 68.55 -52.49 91.41
CA LYS B 165 68.33 -52.82 92.82
C LYS B 165 69.15 -54.04 93.24
N THR B 166 69.39 -54.94 92.29
CA THR B 166 70.31 -56.07 92.43
C THR B 166 71.76 -55.57 92.50
N TYR B 167 72.10 -54.64 91.59
CA TYR B 167 73.42 -54.01 91.54
C TYR B 167 73.76 -53.21 92.80
N HIS B 168 72.81 -52.43 93.29
CA HIS B 168 72.97 -51.65 94.53
C HIS B 168 73.18 -52.53 95.76
N MET B 169 72.47 -53.66 95.81
CA MET B 169 72.54 -54.62 96.92
C MET B 169 73.91 -55.29 96.98
N TYR B 170 74.37 -55.80 95.84
CA TYR B 170 75.64 -56.53 95.79
C TYR B 170 76.88 -55.63 95.82
N ASN B 171 76.78 -54.38 95.32
CA ASN B 171 77.88 -53.41 95.41
C ASN B 171 78.06 -52.84 96.83
N ALA B 172 76.95 -52.80 97.57
CA ALA B 172 76.96 -52.36 98.97
C ALA B 172 77.58 -53.41 99.89
N ASP B 173 77.34 -54.68 99.57
CA ASP B 173 77.90 -55.81 100.30
C ASP B 173 79.37 -56.07 99.94
N SER B 174 79.77 -55.61 98.75
CA SER B 174 81.15 -55.73 98.27
C SER B 174 82.10 -54.75 98.99
N ILE B 175 81.54 -53.65 99.50
CA ILE B 175 82.29 -52.66 100.27
C ILE B 175 82.13 -52.93 101.78
N SER B 176 81.01 -53.57 102.16
CA SER B 176 80.74 -54.02 103.53
C SER B 176 81.72 -55.09 104.02
N ALA B 177 82.13 -55.95 103.10
CA ALA B 177 83.16 -56.96 103.37
C ALA B 177 84.57 -56.39 103.23
N GLN B 178 84.70 -55.29 102.46
CA GLN B 178 85.98 -54.61 102.22
C GLN B 178 86.47 -53.79 103.41
N SER B 179 85.52 -53.20 104.15
CA SER B 179 85.82 -52.43 105.37
C SER B 179 86.23 -53.34 106.53
N LYS B 180 85.52 -54.45 106.68
CA LYS B 180 85.80 -55.48 107.69
C LYS B 180 87.14 -56.20 107.48
N LEU B 181 87.58 -56.24 106.22
CA LEU B 181 88.87 -56.87 105.85
C LEU B 181 90.07 -55.99 106.19
N LYS B 182 89.95 -54.67 106.00
CA LYS B 182 91.00 -53.70 106.36
C LYS B 182 91.09 -53.46 107.88
N GLU B 183 90.02 -53.86 108.58
CA GLU B 183 89.92 -53.88 110.04
C GLU B 183 90.68 -55.08 110.64
N ALA B 184 90.51 -56.24 110.00
CA ALA B 184 91.14 -57.50 110.43
C ALA B 184 92.63 -57.54 110.13
N GLU B 185 93.06 -56.80 109.11
CA GLU B 185 94.49 -56.67 108.75
C GLU B 185 95.22 -55.64 109.60
N LYS B 186 94.47 -54.73 110.21
CA LYS B 186 95.03 -53.68 111.08
C LYS B 186 95.38 -54.21 112.47
N GLN B 187 94.51 -55.08 113.02
CA GLN B 187 94.66 -55.65 114.37
C GLN B 187 95.81 -56.66 114.49
N GLU B 188 95.81 -57.67 113.63
CA GLU B 188 96.82 -58.73 113.69
C GLU B 188 98.04 -58.43 112.82
N GLU B 189 97.82 -58.26 111.51
CA GLU B 189 98.90 -58.01 110.56
C GLU B 189 99.34 -56.55 110.51
N LYS B 226 96.21 -66.05 119.46
CA LYS B 226 96.17 -67.51 119.55
C LYS B 226 95.61 -68.13 118.26
N LYS B 227 94.33 -67.83 117.97
CA LYS B 227 93.64 -68.29 116.74
C LYS B 227 93.18 -67.12 115.84
N ILE B 228 93.51 -65.89 116.26
CA ILE B 228 92.99 -64.64 115.65
C ILE B 228 93.37 -64.46 114.17
N GLU B 229 94.55 -64.92 113.79
CA GLU B 229 95.03 -64.87 112.41
C GLU B 229 94.39 -65.96 111.55
N LYS B 230 94.01 -67.08 112.18
CA LYS B 230 93.32 -68.19 111.52
C LYS B 230 91.82 -67.95 111.36
N MET B 231 91.23 -67.23 112.32
CA MET B 231 89.79 -66.93 112.35
C MET B 231 89.36 -65.91 111.27
N LYS B 232 90.20 -64.90 111.03
CA LYS B 232 89.90 -63.84 110.07
C LYS B 232 90.16 -64.23 108.59
N GLU B 233 90.50 -65.50 108.37
CA GLU B 233 90.77 -66.03 107.02
C GLU B 233 89.51 -66.14 106.16
N LYS B 234 88.36 -66.32 106.80
CA LYS B 234 87.06 -66.42 106.12
C LYS B 234 86.54 -65.07 105.59
N ARG B 235 87.18 -63.98 106.01
CA ARG B 235 86.88 -62.62 105.55
C ARG B 235 87.31 -62.42 104.09
N GLN B 236 88.43 -63.04 103.70
CA GLN B 236 88.89 -63.04 102.31
C GLN B 236 88.06 -64.01 101.46
N ALA B 237 87.59 -65.08 102.11
CA ALA B 237 86.73 -66.09 101.50
C ALA B 237 85.33 -65.57 101.17
N LYS B 238 84.89 -64.54 101.91
CA LYS B 238 83.59 -63.92 101.68
C LYS B 238 83.67 -62.59 100.89
N TYR B 239 84.83 -61.93 100.92
CA TYR B 239 85.06 -60.69 100.14
C TYR B 239 85.16 -60.96 98.65
N THR B 240 85.99 -61.94 98.29
CA THR B 240 86.18 -62.35 96.90
C THR B 240 84.89 -62.95 96.32
N GLU B 241 84.11 -63.58 97.20
CA GLU B 241 82.77 -64.12 96.90
C GLU B 241 81.78 -63.02 96.50
N ASN B 242 81.61 -62.02 97.37
CA ASN B 242 80.74 -60.89 97.09
C ASN B 242 81.31 -59.91 96.05
N LYS B 243 82.62 -60.00 95.81
CA LYS B 243 83.33 -59.22 94.79
C LYS B 243 82.93 -59.68 93.39
N LEU B 244 82.84 -60.99 93.21
CA LEU B 244 82.41 -61.63 91.97
C LEU B 244 80.97 -61.23 91.60
N LYS B 245 80.09 -61.24 92.60
CA LYS B 245 78.67 -60.87 92.46
C LYS B 245 78.50 -59.41 92.02
N ALA B 246 79.39 -58.55 92.53
CA ALA B 246 79.41 -57.12 92.21
C ALA B 246 79.77 -56.85 90.75
N ILE B 247 80.62 -57.70 90.18
CA ILE B 247 80.99 -57.60 88.77
C ILE B 247 79.84 -58.15 87.91
N LYS B 248 79.31 -59.31 88.31
CA LYS B 248 78.20 -59.98 87.62
C LYS B 248 76.97 -59.08 87.50
N ALA B 249 76.63 -58.39 88.59
CA ALA B 249 75.49 -57.49 88.63
C ALA B 249 75.74 -56.18 87.88
N ARG B 250 77.00 -55.72 87.88
CA ARG B 250 77.40 -54.51 87.14
C ARG B 250 77.29 -54.74 85.63
N ASN B 251 77.90 -55.83 85.17
CA ASN B 251 77.84 -56.21 83.76
C ASN B 251 76.40 -56.37 83.24
N GLU B 252 75.56 -57.04 84.03
CA GLU B 252 74.13 -57.22 83.69
C GLU B 252 73.36 -55.89 83.62
N TYR B 253 73.60 -55.02 84.60
CA TYR B 253 73.00 -53.68 84.62
C TYR B 253 73.51 -52.80 83.49
N LEU B 254 74.80 -52.93 83.15
CA LEU B 254 75.40 -52.19 82.03
C LEU B 254 74.81 -52.62 80.69
N LEU B 255 74.53 -53.91 80.55
CA LEU B 255 73.85 -54.46 79.38
C LEU B 255 72.37 -54.12 79.38
N ALA B 256 71.79 -54.02 80.59
CA ALA B 256 70.39 -53.65 80.76
C ALA B 256 70.12 -52.21 80.34
N LEU B 257 71.07 -51.31 80.65
CA LEU B 257 71.01 -49.91 80.23
C LEU B 257 71.05 -49.80 78.70
N GLU B 258 72.03 -50.49 78.10
CA GLU B 258 72.22 -50.52 76.65
C GLU B 258 70.99 -51.10 75.93
N ALA B 259 70.31 -52.04 76.57
CA ALA B 259 69.07 -52.62 76.07
C ALA B 259 67.91 -51.61 76.12
N THR B 260 67.72 -50.99 77.28
CA THR B 260 66.63 -50.02 77.52
C THR B 260 66.79 -48.77 76.66
N ASN B 261 68.04 -48.30 76.53
CA ASN B 261 68.38 -47.13 75.70
C ASN B 261 68.01 -47.27 74.23
N ALA B 262 68.25 -48.46 73.67
CA ALA B 262 67.90 -48.77 72.29
C ALA B 262 66.40 -49.04 72.14
N SER B 263 65.77 -49.56 73.20
CA SER B 263 64.33 -49.87 73.22
C SER B 263 63.48 -48.61 73.11
N VAL B 264 63.85 -47.60 73.89
CA VAL B 264 63.20 -46.29 73.89
C VAL B 264 63.44 -45.61 72.53
N PHE B 265 64.70 -45.70 72.07
CA PHE B 265 65.17 -45.18 70.79
C PHE B 265 64.27 -45.63 69.64
N LYS B 266 64.10 -46.95 69.54
CA LYS B 266 63.32 -47.55 68.46
C LYS B 266 61.81 -47.30 68.57
N TYR B 267 61.31 -47.01 69.78
CA TYR B 267 59.91 -46.63 69.95
C TYR B 267 59.65 -45.24 69.38
N TYR B 268 60.34 -44.23 69.92
CA TYR B 268 60.11 -42.82 69.56
C TYR B 268 60.47 -42.47 68.13
N ILE B 269 61.54 -43.07 67.61
CA ILE B 269 62.02 -42.78 66.25
C ILE B 269 61.28 -43.59 65.17
N HIS B 270 61.22 -44.92 65.33
CA HIS B 270 60.60 -45.80 64.33
C HIS B 270 59.14 -46.16 64.60
N ASP B 271 58.87 -46.84 65.72
CA ASP B 271 57.52 -47.33 66.06
C ASP B 271 56.45 -46.24 66.09
N LEU B 272 56.85 -45.04 66.52
CA LEU B 272 55.95 -43.90 66.62
C LEU B 272 55.62 -43.33 65.23
N SER B 273 56.67 -43.17 64.41
CA SER B 273 56.54 -42.71 63.02
C SER B 273 55.74 -43.70 62.16
N ASP B 274 56.12 -44.98 62.24
CA ASP B 274 55.43 -46.10 61.56
C ASP B 274 53.93 -46.18 61.89
N LEU B 275 53.59 -45.87 63.14
CA LEU B 275 52.19 -45.91 63.61
C LEU B 275 51.39 -44.68 63.16
N ILE B 276 52.07 -43.57 62.89
CA ILE B 276 51.42 -42.35 62.38
C ILE B 276 50.87 -42.58 60.97
N ASP B 277 51.76 -43.00 60.05
CA ASP B 277 51.35 -43.31 58.67
C ASP B 277 50.43 -44.53 58.57
N GLN B 278 50.39 -45.35 59.63
CA GLN B 278 49.59 -46.58 59.68
C GLN B 278 48.09 -46.36 59.51
N CYS B 279 47.55 -45.34 60.20
CA CYS B 279 46.12 -45.00 60.08
C CYS B 279 45.81 -44.03 58.92
N CYS B 280 46.64 -44.09 57.87
CA CYS B 280 46.48 -43.27 56.65
C CYS B 280 46.87 -44.02 55.37
N ASP B 281 47.83 -44.95 55.51
CA ASP B 281 48.45 -45.74 54.43
C ASP B 281 47.53 -46.20 53.29
N LEU B 282 44.37 -46.50 57.28
CA LEU B 282 44.83 -47.05 56.01
C LEU B 282 43.97 -46.60 54.84
N GLY B 283 44.63 -46.01 53.86
CA GLY B 283 43.99 -45.52 52.64
C GLY B 283 43.06 -44.32 52.85
N TYR B 284 43.30 -43.57 53.91
CA TYR B 284 42.55 -42.33 54.20
C TYR B 284 42.79 -41.31 53.09
N HIS B 285 44.04 -41.24 52.64
CA HIS B 285 44.48 -40.35 51.56
C HIS B 285 43.94 -40.79 50.19
N ALA B 286 44.03 -42.08 49.92
CA ALA B 286 43.61 -42.65 48.64
C ALA B 286 42.08 -42.72 48.50
N SER B 287 41.37 -42.94 49.61
CA SER B 287 39.90 -42.99 49.62
C SER B 287 39.29 -41.61 49.45
N LEU B 288 40.02 -40.59 49.91
CA LEU B 288 39.59 -39.20 49.73
C LEU B 288 39.93 -38.66 48.34
N ASN B 289 41.02 -39.19 47.76
CA ASN B 289 41.42 -38.91 46.38
C ASN B 289 40.28 -39.24 45.41
N ARG B 290 39.68 -40.43 45.60
CA ARG B 290 38.54 -40.91 44.82
C ARG B 290 37.28 -40.06 45.04
N ALA B 291 36.92 -39.88 46.32
CA ALA B 291 35.74 -39.11 46.72
C ALA B 291 35.72 -37.71 46.12
N LEU B 292 36.87 -37.04 46.17
CA LEU B 292 36.99 -35.70 45.63
C LEU B 292 37.11 -35.68 44.09
N ARG B 293 37.84 -36.64 43.51
CA ARG B 293 37.91 -36.75 42.03
C ARG B 293 36.57 -37.13 41.37
N THR B 294 35.69 -37.77 42.16
CA THR B 294 34.31 -38.02 41.75
C THR B 294 33.57 -36.68 41.61
N PHE B 295 33.81 -35.77 42.55
CA PHE B 295 33.26 -34.42 42.50
C PHE B 295 33.85 -33.59 41.33
N LEU B 296 35.16 -33.73 41.11
CA LEU B 296 35.86 -33.03 40.04
C LEU B 296 35.38 -33.43 38.65
N SER B 297 35.23 -34.75 38.44
CA SER B 297 34.70 -35.31 37.20
C SER B 297 33.24 -34.90 36.96
N ALA B 298 32.49 -34.75 38.06
CA ALA B 298 31.09 -34.32 38.02
C ALA B 298 30.96 -32.86 37.58
N GLU B 299 31.78 -31.98 38.15
CA GLU B 299 31.80 -30.56 37.77
C GLU B 299 32.50 -30.33 36.43
N LEU B 300 33.41 -31.22 36.04
CA LEU B 300 34.08 -31.14 34.73
C LEU B 300 33.17 -31.58 33.58
N ASN B 301 32.30 -32.56 33.85
CA ASN B 301 31.34 -33.03 32.86
C ASN B 301 30.15 -32.08 32.70
N LEU B 302 29.84 -31.33 33.76
CA LEU B 302 28.86 -30.25 33.71
C LEU B 302 29.40 -29.08 32.88
N GLU B 303 30.71 -28.88 33.00
CA GLU B 303 31.42 -27.80 32.30
CA GLU B 303 31.44 -27.80 32.30
C GLU B 303 31.46 -28.03 30.79
N GLN B 304 31.68 -29.29 30.40
CA GLN B 304 31.71 -29.67 28.98
C GLN B 304 30.30 -29.67 28.35
N SER B 305 29.29 -29.95 29.18
CA SER B 305 27.89 -29.98 28.75
C SER B 305 27.27 -28.60 28.58
N LYS B 306 27.59 -27.68 29.50
CA LYS B 306 27.20 -26.27 29.39
C LYS B 306 27.87 -25.64 28.15
N HIS B 307 29.18 -25.89 28.00
CA HIS B 307 30.00 -25.37 26.90
C HIS B 307 29.53 -25.84 25.52
N GLU B 308 29.07 -27.09 25.43
CA GLU B 308 28.53 -27.64 24.19
C GLU B 308 27.28 -26.89 23.72
N GLY B 309 26.35 -26.65 24.64
CA GLY B 309 25.13 -25.89 24.39
C GLY B 309 25.35 -24.42 24.10
N LEU B 310 26.35 -23.84 24.76
CA LEU B 310 26.72 -22.42 24.57
C LEU B 310 27.30 -22.14 23.19
N ASP B 311 28.05 -23.10 22.66
CA ASP B 311 28.62 -22.99 21.30
C ASP B 311 27.57 -23.14 20.20
N ALA B 312 26.43 -23.74 20.54
CA ALA B 312 25.27 -23.83 19.65
C ALA B 312 24.53 -22.49 19.53
N ILE B 313 24.39 -21.80 20.65
CA ILE B 313 23.86 -20.42 20.70
C ILE B 313 24.80 -19.52 19.90
N GLU B 314 26.10 -19.63 20.21
CA GLU B 314 27.15 -18.88 19.52
C GLU B 314 27.15 -19.16 18.01
N ASN B 315 26.89 -20.42 17.63
CA ASN B 315 26.73 -20.83 16.23
C ASN B 315 25.52 -20.17 15.56
N ALA B 316 24.39 -20.10 16.29
CA ALA B 316 23.14 -19.49 15.80
C ALA B 316 23.26 -17.99 15.56
N VAL B 317 24.09 -17.34 16.38
CA VAL B 317 24.43 -15.91 16.28
C VAL B 317 25.31 -15.68 15.04
N GLU B 318 26.27 -16.59 14.83
CA GLU B 318 27.07 -16.63 13.61
C GLU B 318 26.23 -17.01 12.39
N ASN B 319 25.00 -17.48 12.65
CA ASN B 319 24.02 -17.80 11.62
C ASN B 319 22.91 -16.76 11.44
N LEU B 320 23.01 -15.65 12.15
CA LEU B 320 22.09 -14.51 11.97
C LEU B 320 22.36 -13.80 10.64
N ASP B 321 21.51 -14.08 9.65
CA ASP B 321 21.67 -13.57 8.29
C ASP B 321 20.43 -12.81 7.83
N ALA B 322 20.64 -11.61 7.31
CA ALA B 322 19.55 -10.75 6.80
C ALA B 322 18.98 -11.28 5.49
N THR B 323 19.86 -11.75 4.60
CA THR B 323 19.49 -12.31 3.29
C THR B 323 18.69 -13.61 3.46
N SER B 324 19.05 -14.40 4.48
CA SER B 324 18.34 -15.64 4.80
C SER B 324 16.93 -15.37 5.36
N ASP B 325 16.79 -14.34 6.19
CA ASP B 325 15.50 -13.95 6.76
C ASP B 325 14.57 -13.32 5.72
N LYS B 326 15.18 -12.67 4.73
CA LYS B 326 14.47 -12.07 3.60
C LYS B 326 13.81 -13.17 2.74
N GLN B 327 14.60 -14.18 2.39
CA GLN B 327 14.15 -15.30 1.55
C GLN B 327 13.14 -16.20 2.26
N ARG B 328 13.38 -16.52 3.52
CA ARG B 328 12.49 -17.38 4.32
C ARG B 328 11.11 -16.75 4.61
N LEU B 329 11.07 -15.41 4.67
CA LEU B 329 9.82 -14.69 4.92
C LEU B 329 8.92 -14.63 3.68
N MET B 330 9.54 -14.53 2.50
CA MET B 330 8.83 -14.50 1.23
C MET B 330 8.42 -15.89 0.74
N GLU B 331 9.18 -16.91 1.13
CA GLU B 331 8.85 -18.31 0.83
C GLU B 331 7.63 -18.81 1.61
N MET B 332 7.43 -18.27 2.82
CA MET B 332 6.30 -18.62 3.69
C MET B 332 4.96 -18.07 3.17
N TYR B 333 4.96 -16.80 2.74
CA TYR B 333 3.79 -16.16 2.14
C TYR B 333 4.06 -15.84 0.66
N ASN B 334 4.18 -16.90 -0.14
CA ASN B 334 4.43 -16.76 -1.59
C ASN B 334 3.27 -16.13 -2.35
N ASN B 335 2.09 -16.10 -1.72
CA ASN B 335 0.88 -15.52 -2.29
C ASN B 335 0.67 -14.03 -1.97
N VAL B 336 1.25 -13.57 -0.86
CA VAL B 336 1.18 -12.15 -0.48
C VAL B 336 2.17 -11.32 -1.32
N PHE B 337 3.41 -11.80 -1.42
CA PHE B 337 4.44 -11.16 -2.26
C PHE B 337 4.51 -11.79 -3.66
N CYS B 338 3.35 -12.25 -4.14
CA CYS B 338 3.22 -12.90 -5.45
C CYS B 338 3.40 -11.88 -6.58
N PRO B 339 4.41 -12.08 -7.45
CA PRO B 339 4.56 -11.18 -8.60
C PRO B 339 3.36 -11.35 -9.55
N PRO B 340 2.57 -10.28 -9.78
CA PRO B 340 1.37 -10.43 -10.59
C PRO B 340 1.64 -10.51 -12.10
N MET B 341 0.66 -11.01 -12.85
CA MET B 341 0.78 -11.20 -14.29
C MET B 341 0.87 -9.87 -15.02
N LYS B 342 1.82 -9.82 -15.97
CA LYS B 342 2.04 -8.69 -16.88
C LYS B 342 0.77 -8.26 -17.61
N PHE B 343 0.59 -6.95 -17.75
CA PHE B 343 -0.58 -6.38 -18.42
C PHE B 343 -0.39 -6.46 -19.93
N GLU B 344 -1.20 -7.31 -20.56
CA GLU B 344 -1.15 -7.54 -22.00
C GLU B 344 -2.03 -6.50 -22.72
N PHE B 345 -1.60 -6.13 -23.93
CA PHE B 345 -2.29 -5.16 -24.77
C PHE B 345 -3.66 -5.69 -25.26
N GLN B 346 -4.72 -4.94 -24.94
CA GLN B 346 -6.09 -5.33 -25.27
C GLN B 346 -6.66 -4.45 -26.39
N PRO B 347 -6.77 -4.99 -27.63
CA PRO B 347 -7.24 -4.17 -28.76
C PRO B 347 -8.73 -3.86 -28.68
N HIS B 348 -9.09 -2.69 -29.20
CA HIS B 348 -10.47 -2.20 -29.18
C HIS B 348 -11.17 -2.49 -30.50
N MET B 349 -12.33 -3.15 -30.40
CA MET B 349 -13.19 -3.56 -31.53
C MET B 349 -12.53 -4.53 -32.53
N GLY B 350 -11.29 -4.93 -32.25
CA GLY B 350 -10.50 -5.76 -33.16
C GLY B 350 -9.43 -4.96 -33.88
N ASP B 351 -8.68 -4.18 -33.12
CA ASP B 351 -7.62 -3.32 -33.67
C ASP B 351 -6.43 -4.16 -34.12
N MET B 352 -6.09 -4.02 -35.39
CA MET B 352 -5.03 -4.78 -36.08
C MET B 352 -3.62 -4.52 -35.54
N ALA B 353 -3.29 -3.23 -35.33
CA ALA B 353 -1.97 -2.83 -34.83
C ALA B 353 -1.73 -3.29 -33.40
N SER B 354 -0.48 -3.68 -33.12
CA SER B 354 -0.06 -4.15 -31.79
C SER B 354 1.25 -3.52 -31.35
N GLN B 355 1.93 -2.88 -32.31
CA GLN B 355 3.20 -2.19 -32.09
C GLN B 355 3.05 -0.69 -32.36
N LEU B 356 4.13 0.07 -32.13
CA LEU B 356 4.16 1.51 -32.35
C LEU B 356 4.15 1.84 -33.84
N CYS B 357 3.08 2.50 -34.27
CA CYS B 357 2.92 2.94 -35.65
C CYS B 357 3.72 4.23 -35.88
N ALA B 358 4.34 4.33 -37.05
CA ALA B 358 5.25 5.44 -37.36
C ALA B 358 5.04 6.02 -38.78
N GLN B 359 3.80 6.42 -39.06
CA GLN B 359 3.42 7.03 -40.32
C GLN B 359 3.40 8.56 -40.20
N GLN B 360 3.79 9.25 -41.25
CA GLN B 360 3.70 10.72 -41.36
C GLN B 360 2.21 11.11 -41.54
N PRO B 361 1.71 12.26 -41.04
CA PRO B 361 2.44 13.27 -40.26
C PRO B 361 1.89 13.39 -38.84
N VAL B 362 3.71 11.33 -37.84
CA VAL B 362 4.03 11.18 -36.43
C VAL B 362 5.48 10.70 -36.22
N GLN B 363 6.09 10.16 -37.27
CA GLN B 363 7.46 9.62 -37.21
C GLN B 363 8.52 10.66 -36.84
N SER B 364 8.30 11.91 -37.27
CA SER B 364 9.17 13.03 -36.89
C SER B 364 8.92 13.54 -35.46
N GLU B 365 7.73 13.28 -34.92
CA GLU B 365 7.40 13.62 -33.54
C GLU B 365 7.98 12.59 -32.56
N LEU B 366 7.97 11.32 -32.97
CA LEU B 366 8.49 10.20 -32.19
C LEU B 366 10.01 10.26 -32.01
N VAL B 367 10.72 10.76 -33.02
CA VAL B 367 12.18 10.96 -32.96
C VAL B 367 12.52 12.15 -32.04
N GLN B 368 11.79 13.25 -32.23
CA GLN B 368 11.87 14.46 -31.40
C GLN B 368 11.73 14.15 -29.91
N ARG B 369 10.77 13.26 -29.59
CA ARG B 369 10.50 12.83 -28.23
C ARG B 369 11.59 11.88 -27.72
N CYS B 370 12.01 10.92 -28.55
CA CYS B 370 13.04 9.91 -28.22
C CYS B 370 14.35 10.53 -27.72
N GLN B 371 14.82 11.56 -28.43
CA GLN B 371 16.01 12.31 -28.06
C GLN B 371 15.80 13.13 -26.79
N GLN B 372 14.64 13.79 -26.70
CA GLN B 372 14.26 14.58 -25.52
C GLN B 372 14.00 13.71 -24.28
N LEU B 373 13.73 12.43 -24.51
CA LEU B 373 13.67 11.43 -23.45
C LEU B 373 15.07 11.04 -22.99
N GLN B 374 15.94 10.71 -23.94
CA GLN B 374 17.31 10.31 -23.62
C GLN B 374 18.14 11.47 -23.04
N SER B 375 17.79 12.70 -23.40
CA SER B 375 18.45 13.88 -22.84
C SER B 375 17.99 14.13 -21.41
N ARG B 376 16.69 13.97 -21.15
CA ARG B 376 16.16 14.13 -19.80
C ARG B 376 16.42 12.88 -18.94
N LEU B 377 16.81 11.78 -19.60
CA LEU B 377 17.24 10.54 -18.94
C LEU B 377 18.50 10.77 -18.14
N SER B 378 19.61 10.97 -18.85
CA SER B 378 20.95 11.14 -18.30
C SER B 378 21.03 12.16 -17.15
N THR B 379 20.27 13.25 -17.27
CA THR B 379 20.16 14.31 -16.24
C THR B 379 19.62 13.80 -14.90
N LEU B 380 18.52 13.05 -14.93
CA LEU B 380 17.96 12.41 -13.74
C LEU B 380 18.72 11.15 -13.34
N LYS B 381 19.29 10.46 -14.33
CA LYS B 381 20.05 9.21 -14.15
C LYS B 381 21.34 9.46 -13.36
N ILE B 382 22.08 10.51 -13.72
CA ILE B 382 23.26 10.94 -12.97
C ILE B 382 22.86 11.45 -11.58
N GLU B 383 21.83 12.30 -11.52
CA GLU B 383 21.25 12.78 -10.24
C GLU B 383 21.02 11.64 -9.26
N ASN B 384 20.35 10.59 -9.74
CA ASN B 384 20.05 9.39 -8.98
C ASN B 384 21.33 8.67 -8.52
N GLU B 385 22.07 8.09 -9.48
CA GLU B 385 23.35 7.38 -9.26
C GLU B 385 24.34 8.12 -8.35
N GLU B 386 24.23 9.45 -8.35
CA GLU B 386 24.99 10.30 -7.44
C GLU B 386 24.18 10.52 -6.18
N VAL B 387 22.67 11.55 -3.72
CA VAL B 387 21.45 10.74 -3.70
C VAL B 387 21.75 9.26 -3.42
N LYS B 388 22.46 8.58 -4.32
CA LYS B 388 22.79 7.16 -4.14
C LYS B 388 23.99 6.95 -3.20
N LYS B 389 25.05 7.73 -3.40
CA LYS B 389 26.26 7.67 -2.57
C LYS B 389 26.09 8.45 -1.26
N THR B 390 25.11 9.35 -1.24
CA THR B 390 24.73 10.13 -0.05
C THR B 390 23.84 9.31 0.91
N MET B 391 23.41 8.15 0.44
CA MET B 391 22.59 7.21 1.22
C MET B 391 23.40 6.00 1.66
N GLU B 392 24.27 5.51 0.77
CA GLU B 392 25.14 4.36 1.03
C GLU B 392 26.24 4.66 2.05
N ALA B 393 26.59 5.95 2.14
CA ALA B 393 27.50 6.46 3.17
C ALA B 393 26.79 6.51 4.51
N THR B 394 25.54 6.99 4.49
CA THR B 394 24.67 7.08 5.67
C THR B 394 24.34 5.69 6.22
N LEU B 395 24.07 4.75 5.32
CA LEU B 395 23.81 3.35 5.65
C LEU B 395 25.00 2.70 6.35
N GLN B 396 26.19 2.91 5.79
CA GLN B 396 27.46 2.43 6.37
C GLN B 396 27.74 3.08 7.73
N THR B 397 27.36 4.36 7.85
CA THR B 397 27.48 5.11 9.10
C THR B 397 26.65 4.45 10.21
N ILE B 398 25.38 4.15 9.92
CA ILE B 398 24.50 3.45 10.87
C ILE B 398 25.00 2.01 11.11
N GLN B 399 25.52 1.38 10.05
CA GLN B 399 26.08 0.02 10.14
C GLN B 399 27.31 -0.06 11.05
N ASP B 400 28.15 0.97 11.02
CA ASP B 400 29.35 1.02 11.88
C ASP B 400 29.06 1.42 13.33
N ILE B 401 27.87 1.96 13.59
CA ILE B 401 27.39 2.23 14.96
C ILE B 401 26.99 0.90 15.64
N VAL B 402 26.19 0.11 14.93
CA VAL B 402 25.67 -1.17 15.45
C VAL B 402 26.66 -2.33 15.44
N THR B 403 27.68 -2.26 14.58
CA THR B 403 28.73 -3.28 14.54
C THR B 403 29.90 -2.86 15.44
N VAL B 404 29.62 -2.82 16.75
CA VAL B 404 30.60 -2.42 17.76
C VAL B 404 30.89 -3.58 18.72
N GLU B 405 32.14 -3.70 19.15
CA GLU B 405 32.56 -4.78 20.04
C GLU B 405 32.51 -4.37 21.51
N ASP B 406 31.28 -4.14 21.99
CA ASP B 406 31.01 -3.85 23.41
C ASP B 406 30.29 -5.02 24.09
N PHE B 407 30.89 -6.22 23.97
CA PHE B 407 30.33 -7.45 24.53
C PHE B 407 31.20 -8.14 25.60
N ASP B 408 32.52 -7.95 25.51
CA ASP B 408 33.46 -8.59 26.44
C ASP B 408 33.38 -8.00 27.85
N VAL B 409 32.79 -8.77 28.76
CA VAL B 409 32.57 -8.36 30.15
C VAL B 409 33.58 -9.00 31.13
N SER B 410 34.79 -9.25 30.61
CA SER B 410 35.91 -9.79 31.39
C SER B 410 36.36 -8.85 32.52
N ASP B 411 36.12 -7.56 32.32
CA ASP B 411 36.39 -6.51 33.31
C ASP B 411 35.47 -6.60 34.55
N CYS B 412 34.28 -7.18 34.37
CA CYS B 412 33.28 -7.30 35.44
C CYS B 412 33.60 -8.40 36.47
N PHE B 413 34.37 -9.40 36.04
CA PHE B 413 34.76 -10.53 36.88
C PHE B 413 36.15 -10.39 37.53
N GLN B 414 36.82 -9.27 37.26
CA GLN B 414 38.17 -9.02 37.76
C GLN B 414 38.16 -8.32 39.13
N TYR B 415 38.87 -8.92 40.08
CA TYR B 415 38.98 -8.40 41.45
C TYR B 415 40.46 -8.21 41.81
N LYS B 433 30.28 6.23 30.87
CA LYS B 433 30.32 7.69 30.87
C LYS B 433 28.96 8.31 30.49
N PRO B 434 28.66 9.55 30.97
CA PRO B 434 27.38 10.22 30.64
C PRO B 434 27.20 10.65 29.17
N SER B 435 28.23 10.43 28.35
CA SER B 435 28.21 10.74 26.91
C SER B 435 27.48 9.68 26.05
N ILE B 436 26.94 8.65 26.71
CA ILE B 436 26.13 7.59 26.09
C ILE B 436 24.75 8.09 25.60
N ALA B 437 24.22 9.11 26.28
CA ALA B 437 22.95 9.77 25.93
C ALA B 437 23.04 10.60 24.63
N LYS B 438 24.26 11.03 24.31
CA LYS B 438 24.53 11.81 23.09
C LYS B 438 24.76 10.93 21.86
N ARG B 439 25.41 9.78 22.05
CA ARG B 439 25.63 8.77 20.98
C ARG B 439 24.34 8.13 20.48
N ARG B 440 23.40 7.88 21.38
CA ARG B 440 22.08 7.33 21.07
C ARG B 440 21.22 8.33 20.28
N ALA B 441 21.26 9.61 20.68
CA ALA B 441 20.58 10.69 19.97
C ALA B 441 21.19 10.93 18.58
N ASN B 442 22.50 10.71 18.47
CA ASN B 442 23.26 10.79 17.21
C ASN B 442 22.84 9.73 16.19
N GLN B 443 22.43 8.56 16.69
CA GLN B 443 21.94 7.46 15.85
C GLN B 443 20.57 7.77 15.23
N GLN B 444 19.73 8.49 15.97
CA GLN B 444 18.38 8.86 15.52
C GLN B 444 18.31 10.14 14.69
N GLU B 445 19.47 10.76 14.46
CA GLU B 445 19.61 11.88 13.53
C GLU B 445 20.08 11.37 12.17
N THR B 446 20.86 10.29 12.18
CA THR B 446 21.42 9.66 10.98
C THR B 446 20.36 8.79 10.27
N GLU B 447 19.52 8.11 11.06
CA GLU B 447 18.40 7.31 10.55
C GLU B 447 17.33 8.20 9.94
N GLN B 448 16.95 9.25 10.67
CA GLN B 448 16.06 10.30 10.18
C GLN B 448 16.49 10.82 8.80
N PHE B 449 17.79 11.07 8.66
CA PHE B 449 18.42 11.52 7.42
C PHE B 449 18.44 10.45 6.33
N TYR B 450 18.75 9.21 6.71
CA TYR B 450 18.76 8.06 5.79
C TYR B 450 17.42 7.87 5.07
N PHE B 451 16.33 8.00 5.82
CA PHE B 451 14.97 7.90 5.29
C PHE B 451 14.61 9.04 4.35
N THR B 452 15.04 10.26 4.71
CA THR B 452 14.80 11.45 3.89
C THR B 452 15.67 11.45 2.62
N LYS B 453 16.76 10.67 2.64
CA LYS B 453 17.57 10.42 1.44
C LYS B 453 16.96 9.32 0.56
N MET B 454 16.34 8.33 1.20
CA MET B 454 15.66 7.23 0.52
C MET B 454 14.36 7.69 -0.16
N LYS B 455 13.56 8.47 0.56
CA LYS B 455 12.34 9.10 0.01
C LYS B 455 12.70 9.92 -1.23
N GLU B 456 13.81 10.64 -1.16
CA GLU B 456 14.36 11.43 -2.26
C GLU B 456 14.92 10.55 -3.39
N TYR B 457 15.48 9.40 -3.01
CA TYR B 457 16.03 8.45 -3.99
C TYR B 457 14.90 7.81 -4.79
N LEU B 458 14.02 7.12 -4.08
CA LEU B 458 12.93 6.34 -4.65
C LEU B 458 11.92 7.18 -5.43
N GLU B 459 11.70 8.42 -4.99
CA GLU B 459 10.89 9.39 -5.74
C GLU B 459 11.50 9.64 -7.11
N GLY B 460 12.82 9.82 -7.14
CA GLY B 460 13.58 10.01 -8.38
C GLY B 460 13.68 8.72 -9.18
N ARG B 461 13.73 7.59 -8.48
CA ARG B 461 13.78 6.26 -9.10
C ARG B 461 12.54 5.97 -9.94
N ASN B 462 11.36 6.27 -9.37
CA ASN B 462 10.06 6.03 -10.01
C ASN B 462 9.93 6.63 -11.40
N LEU B 463 10.36 7.88 -11.55
CA LEU B 463 10.27 8.60 -12.80
C LEU B 463 11.27 8.09 -13.84
N ILE B 464 12.46 7.69 -13.40
CA ILE B 464 13.49 7.16 -14.31
C ILE B 464 13.02 5.83 -14.92
N THR B 465 12.27 5.06 -14.15
CA THR B 465 11.73 3.79 -14.61
C THR B 465 10.68 4.00 -15.70
N LYS B 466 9.71 4.88 -15.45
CA LYS B 466 8.66 5.19 -16.44
C LYS B 466 9.19 5.89 -17.71
N LEU B 467 10.34 6.56 -17.58
CA LEU B 467 10.96 7.25 -18.71
C LEU B 467 11.89 6.34 -19.52
N GLN B 468 12.57 5.42 -18.85
CA GLN B 468 13.43 4.43 -19.52
C GLN B 468 12.58 3.43 -20.31
N ALA B 469 11.47 2.99 -19.70
CA ALA B 469 10.55 2.03 -20.31
C ALA B 469 9.91 2.55 -21.60
N LYS B 470 9.57 3.84 -21.61
CA LYS B 470 9.05 4.50 -22.81
C LYS B 470 10.14 4.68 -23.87
N HIS B 471 11.36 4.95 -23.41
CA HIS B 471 12.52 5.17 -24.29
C HIS B 471 13.03 3.92 -24.98
N ASP B 472 13.12 2.82 -24.23
CA ASP B 472 13.59 1.51 -24.72
C ASP B 472 12.68 0.91 -25.79
N LEU B 473 11.37 1.13 -25.65
CA LEU B 473 10.36 0.64 -26.59
C LEU B 473 10.37 1.41 -27.92
N LEU B 474 10.59 2.73 -27.83
CA LEU B 474 10.69 3.58 -29.01
C LEU B 474 11.97 3.34 -29.79
N GLN B 475 13.06 3.06 -29.07
CA GLN B 475 14.38 2.84 -29.66
C GLN B 475 14.49 1.52 -30.43
N LYS B 476 13.65 0.53 -30.08
CA LYS B 476 13.58 -0.72 -30.83
C LYS B 476 12.90 -0.51 -32.19
N THR B 477 12.03 0.49 -32.26
CA THR B 477 11.32 0.86 -33.48
C THR B 477 12.15 1.82 -34.35
N LEU B 478 12.34 3.04 -33.85
CA LEU B 478 13.07 4.09 -34.57
C LEU B 478 14.58 3.85 -34.47
N GLY B 479 15.15 4.20 -33.31
CA GLY B 479 16.59 4.05 -33.03
C GLY B 479 17.30 5.38 -32.93
N GLU B 480 18.23 5.59 -33.86
CA GLU B 480 18.91 6.87 -34.09
C GLU B 480 19.42 6.97 -35.55
N SER B 481 19.03 5.99 -36.37
CA SER B 481 19.34 5.94 -37.80
C SER B 481 18.14 6.36 -38.63
#